data_5RUB
#
_entry.id   5RUB
#
_cell.length_a   65.500
_cell.length_b   70.600
_cell.length_c   104.100
_cell.angle_alpha   90.00
_cell.angle_beta   92.10
_cell.angle_gamma   90.00
#
_symmetry.space_group_name_H-M   'P 1 21 1'
#
loop_
_entity.id
_entity.type
_entity.pdbx_description
1 polymer 'RUBISCO (RIBULOSE-1,5-BISPHOSPHATE CARBOXYLASE(SLASH)OXYGENASE)'
2 water water
#
_entity_poly.entity_id   1
_entity_poly.type   'polypeptide(L)'
_entity_poly.pdbx_seq_one_letter_code
;TMITNSPDRWGYSAPHRTSRESPPMDQSSRYVNLALKEEDLIAGGEHVLCAYIMKPKAGYGYVATAAHFAAESSTGTNVE
VCTTDDFTRGVDALVYEVDEARELTKIAYPVALFDRNITDGKAMIASFLTLTMGNNQGMGDVEYAKMHDFYVPEAYRALF
DGPSVNISALWKVLGRPEVDGGLVVGTIIKPKLGLRPKPFAEACHAFWLGGDFIKNDEPQGNQPFAPLRDTIALVADAMR
RAQDETGEAKLFSANITADDPFEIIARGEYVLETFGENASHVALLVDGYVAGAAAITTARRRFPDNFLHYHRAGHGAVTS
PQSKRGYTAFVHCKMARLQGASGIHTGTMGFGKMEGESSDRAIAYMLTQDEAQGPFYRQSWGGMKACTPIISGGMNALRM
PGFFENLGNANVILTAGGGAFGHIDGPVAGARSLRQAWQAWRDGVPVLDYAREHKELARAFESFPGDADQIYPGWRKALG
VEDTRSALPA
;
_entity_poly.pdbx_strand_id   A,B
#
# COMPACT_ATOMS: atom_id res chain seq x y z
N ASP A 26 14.57 10.33 -22.77
CA ASP A 26 15.88 10.87 -23.22
C ASP A 26 16.60 9.71 -23.93
N GLN A 27 16.06 9.12 -24.98
CA GLN A 27 16.79 8.02 -25.64
C GLN A 27 15.85 6.96 -26.19
N SER A 28 15.12 7.50 -27.15
CA SER A 28 14.10 6.92 -28.03
C SER A 28 14.82 6.13 -29.14
N SER A 29 15.90 5.51 -28.70
CA SER A 29 16.80 4.72 -29.54
C SER A 29 17.60 3.85 -28.56
N ARG A 30 17.82 4.42 -27.38
CA ARG A 30 18.60 3.68 -26.36
C ARG A 30 17.75 2.68 -25.56
N TYR A 31 16.58 3.19 -25.18
CA TYR A 31 15.61 2.46 -24.37
C TYR A 31 14.54 1.80 -25.23
N VAL A 32 14.69 1.74 -26.53
CA VAL A 32 13.67 1.14 -27.40
C VAL A 32 14.38 0.18 -28.35
N ASN A 33 13.98 -1.07 -28.42
CA ASN A 33 14.49 -2.12 -29.32
C ASN A 33 13.25 -2.96 -29.79
N LEU A 34 12.58 -2.40 -30.78
CA LEU A 34 11.39 -2.97 -31.36
C LEU A 34 11.65 -4.19 -32.21
N ALA A 35 12.86 -4.64 -32.47
CA ALA A 35 13.10 -5.83 -33.27
C ALA A 35 13.30 -7.04 -32.35
N LEU A 36 13.16 -6.80 -31.07
CA LEU A 36 13.35 -7.96 -30.16
C LEU A 36 12.14 -8.90 -30.22
N LYS A 37 12.37 -10.19 -30.20
CA LYS A 37 11.32 -11.22 -30.22
C LYS A 37 11.01 -11.59 -28.77
N GLU A 38 9.78 -11.33 -28.38
CA GLU A 38 9.26 -11.61 -27.04
C GLU A 38 9.60 -13.03 -26.63
N GLU A 39 9.62 -13.89 -27.65
CA GLU A 39 9.92 -15.32 -27.47
C GLU A 39 11.39 -15.45 -27.06
N ASP A 40 12.18 -14.62 -27.70
CA ASP A 40 13.61 -14.54 -27.43
C ASP A 40 13.79 -14.13 -25.95
N LEU A 41 13.16 -13.05 -25.59
CA LEU A 41 13.23 -12.52 -24.21
C LEU A 41 12.91 -13.57 -23.15
N ILE A 42 11.80 -14.29 -23.49
CA ILE A 42 11.31 -15.34 -22.59
C ILE A 42 12.30 -16.45 -22.36
N ALA A 43 12.68 -16.99 -23.49
CA ALA A 43 13.63 -18.09 -23.63
C ALA A 43 14.90 -17.68 -22.93
N GLY A 44 15.33 -16.46 -23.12
CA GLY A 44 16.54 -15.91 -22.49
C GLY A 44 16.51 -16.07 -20.98
N GLY A 45 15.37 -15.78 -20.36
CA GLY A 45 15.24 -15.91 -18.90
C GLY A 45 15.98 -14.90 -18.01
N GLU A 46 16.35 -13.77 -18.61
CA GLU A 46 17.09 -12.73 -17.91
C GLU A 46 16.34 -11.44 -17.81
N HIS A 47 15.06 -11.40 -18.08
CA HIS A 47 14.21 -10.24 -18.06
C HIS A 47 12.78 -10.47 -17.54
N VAL A 48 12.35 -9.55 -16.73
CA VAL A 48 10.98 -9.52 -16.21
C VAL A 48 10.21 -8.80 -17.30
N LEU A 49 9.13 -9.23 -17.92
CA LEU A 49 8.46 -8.45 -18.95
C LEU A 49 7.19 -7.85 -18.36
N CYS A 50 6.83 -6.65 -18.72
CA CYS A 50 5.61 -6.04 -18.22
C CYS A 50 4.86 -5.42 -19.37
N ALA A 51 3.54 -5.57 -19.38
CA ALA A 51 2.68 -5.05 -20.43
C ALA A 51 1.84 -3.96 -19.78
N TYR A 52 1.73 -2.80 -20.37
CA TYR A 52 1.02 -1.68 -19.77
C TYR A 52 0.05 -1.12 -20.80
N ILE A 53 -0.94 -0.45 -20.25
CA ILE A 53 -1.94 0.27 -21.05
C ILE A 53 -1.57 1.72 -20.65
N MET A 54 -0.87 2.34 -21.56
CA MET A 54 -0.37 3.72 -21.36
C MET A 54 -0.70 4.60 -22.57
N LYS A 55 -1.02 5.82 -22.20
CA LYS A 55 -1.36 6.89 -23.17
C LYS A 55 -0.49 8.13 -22.85
N PRO A 56 0.14 8.64 -23.89
CA PRO A 56 0.97 9.84 -23.82
C PRO A 56 0.09 11.09 -23.83
N LYS A 57 0.50 12.03 -22.98
CA LYS A 57 -0.15 13.35 -22.87
C LYS A 57 -0.48 13.84 -24.28
N ALA A 58 -1.37 14.80 -24.30
CA ALA A 58 -1.85 15.49 -25.51
C ALA A 58 -0.69 16.09 -26.30
N GLY A 59 -0.08 15.44 -27.28
CA GLY A 59 1.03 16.05 -28.00
C GLY A 59 2.30 15.27 -28.19
N TYR A 60 2.79 14.65 -27.13
CA TYR A 60 4.03 13.86 -27.08
C TYR A 60 3.93 12.58 -27.89
N GLY A 61 5.00 12.17 -28.51
CA GLY A 61 5.11 10.97 -29.35
C GLY A 61 5.00 9.74 -28.46
N TYR A 62 4.33 8.72 -28.92
CA TYR A 62 4.07 7.46 -28.22
C TYR A 62 5.36 6.73 -27.88
N VAL A 63 6.18 6.45 -28.88
CA VAL A 63 7.43 5.73 -28.76
C VAL A 63 8.40 6.56 -27.92
N ALA A 64 8.46 7.86 -28.16
CA ALA A 64 9.38 8.70 -27.37
C ALA A 64 8.98 8.62 -25.90
N THR A 65 7.67 8.68 -25.68
CA THR A 65 7.15 8.65 -24.31
C THR A 65 7.36 7.30 -23.65
N ALA A 66 7.31 6.26 -24.47
CA ALA A 66 7.48 4.87 -24.06
C ALA A 66 8.94 4.73 -23.66
N ALA A 67 9.80 5.44 -24.40
CA ALA A 67 11.27 5.52 -24.18
C ALA A 67 11.55 6.16 -22.81
N HIS A 68 10.76 7.22 -22.62
CA HIS A 68 10.79 8.04 -21.41
C HIS A 68 10.39 7.28 -20.18
N PHE A 69 9.34 6.47 -20.32
CA PHE A 69 8.85 5.57 -19.23
C PHE A 69 9.89 4.51 -18.95
N ALA A 70 10.51 3.87 -19.93
CA ALA A 70 11.55 2.86 -19.72
C ALA A 70 12.74 3.37 -18.89
N ALA A 71 13.28 4.49 -19.40
CA ALA A 71 14.46 5.21 -18.81
C ALA A 71 14.14 5.54 -17.37
N GLU A 72 13.04 6.19 -17.12
CA GLU A 72 12.53 6.62 -15.83
C GLU A 72 12.26 5.50 -14.84
N SER A 73 12.02 4.31 -15.34
CA SER A 73 11.76 3.08 -14.58
C SER A 73 13.02 2.24 -14.45
N SER A 74 14.14 2.77 -14.92
CA SER A 74 15.37 1.98 -14.84
C SER A 74 16.58 2.80 -14.39
N THR A 75 17.33 3.31 -15.34
CA THR A 75 18.57 4.08 -15.22
C THR A 75 18.33 5.58 -15.40
N GLY A 76 18.75 6.37 -14.42
CA GLY A 76 18.61 7.84 -14.39
C GLY A 76 19.20 8.49 -15.65
N THR A 77 20.45 8.93 -15.63
CA THR A 77 21.08 9.53 -16.82
C THR A 77 22.62 9.64 -16.82
N ARG A 89 20.41 -1.43 -22.88
CA ARG A 89 20.14 -2.86 -23.08
C ARG A 89 20.17 -3.59 -21.72
N GLY A 90 21.39 -3.96 -21.47
CA GLY A 90 22.04 -4.69 -20.36
C GLY A 90 21.51 -4.37 -19.01
N VAL A 91 21.56 -3.10 -18.56
CA VAL A 91 20.95 -2.79 -17.22
C VAL A 91 19.79 -1.84 -17.46
N ASP A 92 19.68 -1.39 -18.67
CA ASP A 92 18.65 -0.53 -19.21
C ASP A 92 17.37 -1.39 -19.47
N ALA A 93 16.24 -0.79 -19.18
CA ALA A 93 14.93 -1.41 -19.44
C ALA A 93 14.61 -1.09 -20.90
N LEU A 94 14.15 -2.04 -21.71
CA LEU A 94 13.80 -1.80 -23.11
C LEU A 94 12.34 -1.99 -23.47
N VAL A 95 11.87 -1.11 -24.34
CA VAL A 95 10.55 -1.11 -24.94
C VAL A 95 10.78 -2.05 -26.16
N TYR A 96 10.20 -3.24 -26.14
CA TYR A 96 10.32 -4.26 -27.18
C TYR A 96 9.10 -4.36 -28.11
N GLU A 97 8.00 -3.76 -27.68
CA GLU A 97 6.76 -3.72 -28.45
C GLU A 97 5.87 -2.61 -27.93
N VAL A 98 5.14 -2.06 -28.87
CA VAL A 98 4.18 -0.95 -28.69
C VAL A 98 3.04 -1.08 -29.73
N ASP A 99 1.86 -0.66 -29.36
CA ASP A 99 0.68 -0.69 -30.26
C ASP A 99 0.00 0.66 -29.98
N GLU A 100 0.44 1.62 -30.76
CA GLU A 100 0.00 3.03 -30.70
C GLU A 100 -1.49 3.16 -30.50
N ALA A 101 -2.23 2.47 -31.35
CA ALA A 101 -3.67 2.32 -31.45
C ALA A 101 -4.28 1.75 -30.16
N ARG A 102 -3.71 0.63 -29.75
CA ARG A 102 -4.15 -0.09 -28.53
C ARG A 102 -3.63 0.50 -27.22
N GLU A 103 -2.85 1.56 -27.25
CA GLU A 103 -2.27 2.21 -26.09
C GLU A 103 -1.46 1.16 -25.30
N LEU A 104 -0.88 0.21 -26.02
CA LEU A 104 -0.07 -0.87 -25.48
C LEU A 104 1.46 -0.72 -25.61
N THR A 105 2.06 -0.75 -24.43
CA THR A 105 3.49 -0.67 -24.20
C THR A 105 3.99 -1.89 -23.41
N LYS A 106 4.96 -2.58 -24.00
CA LYS A 106 5.56 -3.72 -23.32
C LYS A 106 7.06 -3.44 -23.14
N ILE A 107 7.51 -3.56 -21.91
CA ILE A 107 8.88 -3.33 -21.49
C ILE A 107 9.60 -4.48 -20.85
N ALA A 108 10.82 -4.72 -21.27
CA ALA A 108 11.68 -5.76 -20.70
C ALA A 108 12.57 -5.13 -19.60
N TYR A 109 12.67 -5.69 -18.43
CA TYR A 109 13.48 -5.24 -17.33
C TYR A 109 14.53 -6.26 -16.97
N PRO A 110 15.82 -5.98 -17.18
CA PRO A 110 16.86 -6.94 -16.80
C PRO A 110 16.63 -7.36 -15.37
N VAL A 111 16.76 -8.67 -15.09
CA VAL A 111 16.56 -9.09 -13.68
C VAL A 111 17.60 -8.49 -12.67
N ALA A 112 18.75 -8.03 -13.22
CA ALA A 112 19.83 -7.47 -12.35
C ALA A 112 19.38 -6.19 -11.66
N LEU A 113 18.38 -5.52 -12.17
CA LEU A 113 17.83 -4.30 -11.59
C LEU A 113 17.11 -4.49 -10.26
N PHE A 114 16.59 -5.71 -10.01
CA PHE A 114 15.78 -5.95 -8.81
C PHE A 114 16.60 -6.21 -7.59
N ASP A 115 16.08 -5.55 -6.52
CA ASP A 115 16.76 -5.68 -5.22
C ASP A 115 16.45 -7.05 -4.59
N ARG A 116 17.33 -7.52 -3.76
CA ARG A 116 17.26 -8.78 -3.05
C ARG A 116 17.90 -8.62 -1.70
N ASN A 117 17.53 -9.43 -0.71
CA ASN A 117 17.91 -9.44 0.65
C ASN A 117 19.40 -9.67 0.86
N ILE A 118 19.96 -8.86 1.78
CA ILE A 118 21.37 -9.07 2.13
C ILE A 118 21.41 -10.26 3.09
N THR A 119 20.28 -10.48 3.78
CA THR A 119 20.12 -11.54 4.77
C THR A 119 20.03 -12.93 4.13
N ASP A 120 19.13 -13.13 3.21
CA ASP A 120 19.04 -14.51 2.66
C ASP A 120 19.08 -14.55 1.17
N GLY A 121 19.35 -13.58 0.36
CA GLY A 121 19.39 -13.66 -1.09
C GLY A 121 18.05 -13.51 -1.77
N LYS A 122 16.93 -13.69 -1.07
CA LYS A 122 15.60 -13.57 -1.66
C LYS A 122 15.11 -12.24 -2.17
N ALA A 123 14.26 -12.31 -3.17
CA ALA A 123 13.59 -11.24 -3.86
C ALA A 123 12.61 -10.62 -2.88
N MET A 124 12.15 -9.48 -3.30
CA MET A 124 11.21 -8.61 -2.57
C MET A 124 10.30 -7.98 -3.56
N ILE A 125 8.99 -8.00 -3.23
CA ILE A 125 7.96 -7.39 -4.11
C ILE A 125 8.09 -5.85 -4.07
N ALA A 126 8.60 -5.35 -2.94
CA ALA A 126 8.73 -3.86 -2.79
C ALA A 126 9.48 -3.26 -3.99
N SER A 127 10.55 -3.99 -4.33
CA SER A 127 11.50 -3.62 -5.43
C SER A 127 10.81 -3.74 -6.75
N PHE A 128 10.11 -4.87 -6.95
CA PHE A 128 9.35 -5.11 -8.17
C PHE A 128 8.43 -3.93 -8.37
N LEU A 129 7.74 -3.48 -7.35
CA LEU A 129 6.77 -2.38 -7.41
C LEU A 129 7.45 -1.02 -7.70
N THR A 130 8.50 -0.83 -6.97
CA THR A 130 9.29 0.48 -7.16
C THR A 130 9.71 0.66 -8.59
N LEU A 131 10.33 -0.36 -9.16
CA LEU A 131 10.83 -0.35 -10.51
C LEU A 131 9.75 -0.32 -11.55
N THR A 132 8.74 -1.18 -11.40
CA THR A 132 7.73 -1.19 -12.48
C THR A 132 6.46 -0.41 -12.25
N MET A 133 6.25 0.16 -11.08
CA MET A 133 5.06 0.91 -10.65
C MET A 133 5.37 2.09 -9.71
N GLY A 134 6.60 2.51 -9.53
CA GLY A 134 7.00 3.59 -8.64
C GLY A 134 6.68 5.01 -9.08
N ASN A 135 7.79 5.76 -9.10
CA ASN A 135 7.71 7.19 -9.53
C ASN A 135 7.19 7.31 -10.96
N ASN A 136 7.09 6.25 -11.71
CA ASN A 136 6.58 6.23 -13.09
C ASN A 136 5.05 6.44 -13.12
N GLN A 137 4.48 6.46 -11.92
CA GLN A 137 3.03 6.64 -11.76
C GLN A 137 2.75 8.13 -11.53
N GLY A 138 3.87 8.84 -11.58
CA GLY A 138 3.82 10.28 -11.40
C GLY A 138 4.40 11.13 -12.51
N MET A 139 4.79 10.59 -13.63
CA MET A 139 5.36 11.40 -14.75
C MET A 139 4.42 12.52 -15.21
N GLY A 140 4.98 13.36 -16.09
CA GLY A 140 4.31 14.51 -16.68
C GLY A 140 3.86 14.43 -18.12
N ASP A 141 4.60 13.71 -18.96
CA ASP A 141 4.27 13.54 -20.38
C ASP A 141 3.37 12.30 -20.59
N VAL A 142 3.00 11.70 -19.48
CA VAL A 142 2.15 10.48 -19.53
C VAL A 142 0.83 10.76 -18.81
N GLU A 143 -0.24 10.47 -19.55
CA GLU A 143 -1.57 10.67 -18.96
C GLU A 143 -1.89 9.58 -17.93
N TYR A 144 -1.78 8.31 -18.35
CA TYR A 144 -2.06 7.20 -17.39
C TYR A 144 -1.26 6.02 -17.89
N ALA A 145 -1.00 5.09 -17.01
CA ALA A 145 -0.24 3.87 -17.31
C ALA A 145 -0.77 2.80 -16.34
N LYS A 146 -1.19 1.67 -16.86
CA LYS A 146 -1.67 0.68 -15.84
C LYS A 146 -1.07 -0.64 -16.28
N MET A 147 -0.52 -1.38 -15.35
CA MET A 147 0.05 -2.69 -15.59
C MET A 147 -1.12 -3.72 -15.65
N HIS A 148 -1.15 -4.44 -16.72
CA HIS A 148 -2.08 -5.52 -17.06
C HIS A 148 -1.46 -6.88 -16.90
N ASP A 149 -0.15 -7.04 -16.98
CA ASP A 149 0.43 -8.39 -16.86
C ASP A 149 1.95 -8.24 -16.73
N PHE A 150 2.54 -9.28 -16.25
CA PHE A 150 4.00 -9.34 -16.08
C PHE A 150 4.43 -10.80 -16.20
N TYR A 151 5.66 -10.99 -16.53
CA TYR A 151 6.31 -12.26 -16.66
C TYR A 151 7.59 -12.27 -15.87
N VAL A 152 7.78 -13.23 -15.00
CA VAL A 152 8.96 -13.42 -14.24
C VAL A 152 9.61 -14.76 -14.63
N PRO A 153 10.87 -14.67 -15.09
CA PRO A 153 11.65 -15.87 -15.45
C PRO A 153 12.00 -16.69 -14.23
N GLU A 154 12.43 -17.95 -14.46
CA GLU A 154 12.81 -18.93 -13.45
C GLU A 154 13.76 -18.48 -12.38
N ALA A 155 14.85 -17.83 -12.80
CA ALA A 155 15.94 -17.29 -11.97
C ALA A 155 15.50 -16.33 -10.87
N TYR A 156 14.58 -15.49 -11.25
CA TYR A 156 13.93 -14.46 -10.43
C TYR A 156 12.80 -15.10 -9.61
N ARG A 157 11.85 -15.69 -10.35
CA ARG A 157 10.74 -16.38 -9.64
C ARG A 157 11.18 -17.22 -8.47
N ALA A 158 12.23 -18.00 -8.67
CA ALA A 158 12.81 -18.90 -7.69
C ALA A 158 13.35 -18.13 -6.51
N LEU A 159 13.48 -16.84 -6.59
CA LEU A 159 14.00 -16.13 -5.37
C LEU A 159 12.88 -15.71 -4.45
N PHE A 160 11.64 -15.92 -4.85
CA PHE A 160 10.49 -15.51 -4.04
C PHE A 160 10.04 -16.56 -3.03
N ASP A 161 9.47 -16.08 -1.94
CA ASP A 161 8.97 -16.93 -0.85
C ASP A 161 7.96 -18.00 -1.37
N GLY A 162 6.94 -17.57 -2.02
CA GLY A 162 5.86 -18.44 -2.54
C GLY A 162 5.07 -18.94 -1.32
N PRO A 163 3.88 -19.46 -1.59
CA PRO A 163 3.00 -20.01 -0.52
C PRO A 163 3.68 -21.18 0.17
N SER A 164 3.56 -21.22 1.46
CA SER A 164 4.08 -22.23 2.37
C SER A 164 3.02 -23.34 2.57
N VAL A 165 1.80 -22.93 2.56
CA VAL A 165 0.62 -23.85 2.79
C VAL A 165 -0.48 -23.19 2.01
N ASN A 166 -1.55 -23.96 1.70
CA ASN A 166 -2.72 -23.44 0.97
C ASN A 166 -3.95 -24.21 1.60
N ILE A 167 -5.02 -24.20 0.86
CA ILE A 167 -6.27 -24.92 1.24
C ILE A 167 -6.02 -26.37 1.61
N SER A 168 -4.96 -26.98 1.10
CA SER A 168 -4.67 -28.40 1.45
C SER A 168 -4.38 -28.52 2.93
N ALA A 169 -3.93 -27.41 3.58
CA ALA A 169 -3.69 -27.44 5.02
C ALA A 169 -5.03 -27.57 5.78
N LEU A 170 -5.99 -26.90 5.21
CA LEU A 170 -7.37 -26.84 5.71
C LEU A 170 -8.04 -28.23 5.38
N TRP A 171 -7.86 -28.64 4.15
CA TRP A 171 -8.46 -29.96 3.77
C TRP A 171 -8.06 -30.95 4.85
N LYS A 172 -6.83 -31.14 5.17
CA LYS A 172 -6.25 -32.00 6.15
C LYS A 172 -6.98 -31.88 7.46
N VAL A 173 -7.16 -30.64 7.96
CA VAL A 173 -7.87 -30.49 9.24
C VAL A 173 -9.32 -31.02 9.12
N LEU A 174 -9.98 -30.78 8.02
CA LEU A 174 -11.35 -31.19 7.77
C LEU A 174 -11.51 -32.70 7.56
N GLY A 175 -10.47 -33.42 7.44
CA GLY A 175 -10.48 -34.88 7.19
C GLY A 175 -10.81 -35.05 5.72
N ARG A 176 -10.45 -34.18 4.81
CA ARG A 176 -10.68 -34.30 3.39
C ARG A 176 -9.38 -34.72 2.72
N PRO A 177 -9.47 -35.14 1.47
CA PRO A 177 -8.26 -35.53 0.71
C PRO A 177 -7.47 -34.23 0.40
N GLU A 178 -6.18 -34.39 0.45
CA GLU A 178 -5.24 -33.27 0.21
C GLU A 178 -5.14 -32.90 -1.22
N VAL A 179 -5.69 -33.69 -2.12
CA VAL A 179 -5.73 -33.43 -3.55
C VAL A 179 -7.22 -33.26 -3.88
N ASP A 180 -7.71 -32.25 -4.50
CA ASP A 180 -9.10 -32.02 -4.84
C ASP A 180 -10.03 -32.24 -3.64
N GLY A 181 -9.68 -31.71 -2.48
CA GLY A 181 -10.49 -31.77 -1.26
C GLY A 181 -11.83 -31.05 -1.38
N GLY A 182 -12.14 -30.24 -2.35
CA GLY A 182 -13.41 -29.56 -2.50
C GLY A 182 -13.66 -28.28 -1.69
N LEU A 183 -14.92 -27.91 -1.67
CA LEU A 183 -15.41 -26.70 -1.06
C LEU A 183 -15.32 -26.48 0.41
N VAL A 184 -14.92 -25.30 0.81
CA VAL A 184 -14.84 -24.95 2.27
C VAL A 184 -15.91 -23.86 2.40
N VAL A 185 -16.93 -24.17 3.22
CA VAL A 185 -18.05 -23.23 3.38
C VAL A 185 -17.84 -22.28 4.58
N GLY A 186 -17.78 -20.99 4.17
CA GLY A 186 -17.53 -19.98 5.23
C GLY A 186 -18.43 -18.75 5.10
N THR A 187 -18.14 -17.94 6.12
CA THR A 187 -18.84 -16.67 6.27
C THR A 187 -17.94 -15.62 6.98
N ILE A 188 -18.47 -14.45 7.07
CA ILE A 188 -17.85 -13.28 7.72
C ILE A 188 -18.75 -12.89 8.87
N ILE A 189 -18.32 -12.75 10.10
CA ILE A 189 -19.28 -12.30 11.12
C ILE A 189 -19.74 -10.84 10.96
N LYS A 190 -21.02 -10.60 11.03
CA LYS A 190 -21.63 -9.28 10.92
C LYS A 190 -22.41 -9.07 12.23
N PRO A 191 -22.56 -7.88 12.78
CA PRO A 191 -22.03 -6.63 12.24
C PRO A 191 -20.50 -6.54 12.21
N LYS A 192 -20.09 -5.75 11.26
CA LYS A 192 -18.68 -5.38 10.96
C LYS A 192 -17.97 -5.11 12.28
N LEU A 193 -18.51 -4.29 13.14
CA LEU A 193 -18.03 -3.96 14.48
C LEU A 193 -19.32 -3.73 15.30
N GLY A 194 -19.21 -3.97 16.57
CA GLY A 194 -20.40 -3.72 17.42
C GLY A 194 -20.53 -4.87 18.40
N LEU A 195 -20.23 -6.11 17.98
CA LEU A 195 -20.39 -7.19 18.95
C LEU A 195 -19.39 -7.28 20.09
N ARG A 196 -19.87 -7.52 21.29
CA ARG A 196 -19.06 -7.74 22.50
C ARG A 196 -18.53 -9.18 22.38
N PRO A 197 -17.56 -9.54 23.18
CA PRO A 197 -16.92 -10.84 23.17
C PRO A 197 -17.88 -12.02 23.15
N LYS A 198 -18.78 -12.04 24.11
CA LYS A 198 -19.75 -13.21 24.24
C LYS A 198 -20.64 -13.25 23.02
N PRO A 199 -21.38 -12.20 22.72
CA PRO A 199 -22.19 -12.15 21.52
C PRO A 199 -21.41 -12.55 20.32
N PHE A 200 -20.14 -12.14 20.15
CA PHE A 200 -19.37 -12.48 18.95
C PHE A 200 -19.10 -14.00 18.89
N ALA A 201 -18.70 -14.58 19.97
CA ALA A 201 -18.34 -15.98 20.11
C ALA A 201 -19.60 -16.84 19.91
N GLU A 202 -20.73 -16.40 20.40
CA GLU A 202 -21.99 -17.16 20.20
C GLU A 202 -22.34 -17.14 18.74
N ALA A 203 -22.20 -16.08 17.98
CA ALA A 203 -22.49 -15.99 16.57
C ALA A 203 -21.52 -16.95 15.85
N CYS A 204 -20.33 -17.14 16.38
CA CYS A 204 -19.36 -18.03 15.72
C CYS A 204 -19.87 -19.49 15.91
N HIS A 205 -20.15 -19.76 17.15
CA HIS A 205 -20.63 -21.08 17.58
C HIS A 205 -21.85 -21.44 16.73
N ALA A 206 -22.77 -20.54 16.55
CA ALA A 206 -23.96 -20.74 15.78
C ALA A 206 -23.64 -20.97 14.33
N PHE A 207 -22.82 -20.23 13.60
CA PHE A 207 -22.60 -20.59 12.19
C PHE A 207 -21.85 -21.94 12.01
N TRP A 208 -20.97 -22.31 12.89
CA TRP A 208 -20.18 -23.51 12.91
C TRP A 208 -21.13 -24.74 13.06
N LEU A 209 -22.40 -24.49 13.34
CA LEU A 209 -23.28 -25.68 13.49
C LEU A 209 -23.51 -26.14 12.08
N GLY A 210 -23.46 -25.33 11.07
CA GLY A 210 -23.67 -25.71 9.69
C GLY A 210 -22.48 -25.58 8.73
N GLY A 211 -21.61 -24.60 9.03
CA GLY A 211 -20.47 -24.29 8.15
C GLY A 211 -19.12 -24.67 8.66
N ASP A 212 -18.09 -24.46 7.83
CA ASP A 212 -16.72 -24.84 8.21
C ASP A 212 -15.78 -23.71 8.77
N PHE A 213 -15.90 -22.64 8.05
CA PHE A 213 -15.02 -21.46 8.22
C PHE A 213 -15.67 -20.12 8.43
N ILE A 214 -15.02 -19.43 9.40
CA ILE A 214 -15.46 -18.06 9.73
C ILE A 214 -14.18 -17.16 9.75
N LYS A 215 -14.44 -16.01 9.19
CA LYS A 215 -13.31 -15.02 9.22
C LYS A 215 -13.79 -13.75 9.91
N ASN A 216 -12.87 -13.13 10.67
CA ASN A 216 -13.16 -11.78 11.22
C ASN A 216 -13.44 -10.85 10.05
N ASP A 217 -14.26 -9.83 10.26
CA ASP A 217 -14.54 -8.80 9.22
C ASP A 217 -13.22 -7.95 9.37
N GLU A 218 -12.88 -7.28 8.29
CA GLU A 218 -11.72 -6.42 8.06
C GLU A 218 -11.25 -5.71 9.32
N PRO A 219 -12.12 -4.92 9.90
CA PRO A 219 -11.76 -4.11 11.07
C PRO A 219 -11.63 -4.64 12.47
N GLN A 220 -12.14 -5.86 12.67
CA GLN A 220 -12.18 -6.50 13.95
C GLN A 220 -10.80 -6.84 14.47
N GLY A 221 -10.55 -6.32 15.67
CA GLY A 221 -9.30 -6.58 16.31
C GLY A 221 -9.42 -6.32 17.78
N ASN A 222 -8.77 -5.23 18.26
CA ASN A 222 -8.75 -4.92 19.69
C ASN A 222 -9.51 -3.66 20.04
N GLN A 223 -10.71 -3.44 19.65
CA GLN A 223 -11.52 -2.26 19.99
C GLN A 223 -11.80 -2.43 21.47
N PRO A 224 -11.92 -1.27 22.17
CA PRO A 224 -12.08 -1.26 23.62
C PRO A 224 -13.31 -2.02 24.07
N PHE A 225 -14.36 -1.99 23.26
CA PHE A 225 -15.59 -2.74 23.65
C PHE A 225 -15.53 -4.24 23.32
N ALA A 226 -14.53 -4.75 22.68
CA ALA A 226 -14.37 -6.15 22.28
C ALA A 226 -12.88 -6.43 22.21
N PRO A 227 -12.22 -6.48 23.33
CA PRO A 227 -10.77 -6.68 23.37
C PRO A 227 -10.40 -7.97 22.69
N LEU A 228 -9.34 -7.97 21.91
CA LEU A 228 -8.91 -9.16 21.17
C LEU A 228 -8.68 -10.35 22.08
N ARG A 229 -7.96 -10.17 23.18
CA ARG A 229 -7.57 -11.16 24.15
C ARG A 229 -8.80 -11.93 24.69
N ASP A 230 -9.81 -11.22 25.08
CA ASP A 230 -11.05 -11.73 25.63
C ASP A 230 -11.90 -12.45 24.53
N THR A 231 -12.06 -11.73 23.44
CA THR A 231 -12.83 -12.21 22.32
C THR A 231 -12.24 -13.52 21.81
N ILE A 232 -10.95 -13.52 21.60
CA ILE A 232 -10.29 -14.72 21.08
C ILE A 232 -10.48 -15.87 22.07
N ALA A 233 -10.33 -15.67 23.35
CA ALA A 233 -10.47 -16.79 24.28
C ALA A 233 -11.87 -17.38 24.11
N LEU A 234 -12.90 -16.52 24.00
CA LEU A 234 -14.29 -16.93 23.85
C LEU A 234 -14.43 -17.61 22.48
N VAL A 235 -13.84 -17.11 21.44
CA VAL A 235 -13.96 -17.76 20.13
C VAL A 235 -13.32 -19.14 20.20
N ALA A 236 -12.22 -19.39 20.79
CA ALA A 236 -11.56 -20.66 20.90
C ALA A 236 -12.49 -21.71 21.58
N ASP A 237 -13.17 -21.25 22.60
CA ASP A 237 -14.12 -22.07 23.40
C ASP A 237 -15.30 -22.38 22.46
N ALA A 238 -15.93 -21.48 21.75
CA ALA A 238 -16.98 -21.66 20.82
C ALA A 238 -16.57 -22.69 19.78
N MET A 239 -15.35 -22.79 19.41
CA MET A 239 -14.74 -23.68 18.49
C MET A 239 -14.77 -25.06 19.15
N ARG A 240 -14.37 -25.20 20.38
CA ARG A 240 -14.38 -26.48 21.08
C ARG A 240 -15.80 -27.06 21.13
N ARG A 241 -16.75 -26.23 21.53
CA ARG A 241 -18.17 -26.54 21.65
C ARG A 241 -18.80 -27.01 20.33
N ALA A 242 -18.57 -26.30 19.24
CA ALA A 242 -19.11 -26.63 17.94
C ALA A 242 -18.36 -27.88 17.52
N GLN A 243 -17.14 -28.12 17.88
CA GLN A 243 -16.44 -29.34 17.43
C GLN A 243 -17.02 -30.56 18.15
N ASP A 244 -17.21 -30.49 19.42
CA ASP A 244 -17.82 -31.54 20.24
C ASP A 244 -19.26 -31.75 19.78
N GLU A 245 -20.13 -30.80 19.65
CA GLU A 245 -21.50 -31.00 19.24
C GLU A 245 -21.81 -31.54 17.85
N THR A 246 -20.88 -31.24 16.97
CA THR A 246 -20.95 -31.58 15.53
C THR A 246 -20.17 -32.81 15.11
N GLY A 247 -19.10 -33.15 15.75
CA GLY A 247 -18.22 -34.24 15.39
C GLY A 247 -17.41 -33.83 14.13
N GLU A 248 -17.40 -32.53 13.77
CA GLU A 248 -16.65 -32.01 12.63
C GLU A 248 -15.59 -30.95 12.99
N ALA A 249 -14.45 -30.88 12.32
CA ALA A 249 -13.42 -29.89 12.57
C ALA A 249 -13.91 -28.54 12.07
N LYS A 250 -13.55 -27.45 12.78
CA LYS A 250 -14.03 -26.11 12.35
C LYS A 250 -12.77 -25.21 12.17
N LEU A 251 -12.95 -24.16 11.40
CA LEU A 251 -11.81 -23.25 11.10
C LEU A 251 -12.13 -21.76 11.41
N PHE A 252 -11.10 -21.01 11.85
CA PHE A 252 -11.29 -19.54 12.10
C PHE A 252 -10.10 -18.76 11.42
N SER A 253 -10.44 -17.66 10.80
CA SER A 253 -9.42 -16.75 10.15
C SER A 253 -9.46 -15.42 11.03
N ALA A 254 -8.41 -15.33 11.82
CA ALA A 254 -8.22 -14.25 12.82
C ALA A 254 -7.32 -13.11 12.28
N ASN A 255 -7.91 -11.94 12.31
CA ASN A 255 -7.29 -10.67 11.86
C ASN A 255 -6.13 -10.37 12.84
N ILE A 256 -4.94 -10.29 12.21
CA ILE A 256 -3.74 -9.95 13.01
C ILE A 256 -3.07 -8.66 12.41
N THR A 257 -3.71 -8.00 11.50
CA THR A 257 -3.17 -6.77 10.92
C THR A 257 -2.86 -5.73 12.02
N ALA A 258 -1.65 -5.13 11.82
CA ALA A 258 -1.18 -4.07 12.74
C ALA A 258 -0.12 -3.28 11.92
N ASP A 259 0.30 -2.11 12.44
CA ASP A 259 1.34 -1.34 11.69
C ASP A 259 2.68 -1.93 12.13
N ASP A 260 2.80 -2.24 13.38
CA ASP A 260 4.04 -2.77 13.92
C ASP A 260 4.15 -4.29 13.74
N PRO A 261 5.18 -4.76 13.04
CA PRO A 261 5.42 -6.19 12.84
C PRO A 261 5.42 -7.01 14.13
N PHE A 262 5.91 -6.41 15.21
CA PHE A 262 5.99 -7.05 16.50
C PHE A 262 4.60 -7.13 17.10
N GLU A 263 3.71 -6.32 16.68
CA GLU A 263 2.32 -6.27 17.11
C GLU A 263 1.65 -7.47 16.31
N ILE A 264 1.99 -7.55 15.04
CA ILE A 264 1.43 -8.65 14.19
C ILE A 264 1.82 -9.99 14.80
N ILE A 265 3.08 -10.18 15.17
CA ILE A 265 3.65 -11.35 15.77
C ILE A 265 3.00 -11.56 17.12
N ALA A 266 2.81 -10.57 17.96
CA ALA A 266 2.22 -10.83 19.27
C ALA A 266 0.75 -11.26 19.07
N ARG A 267 0.02 -10.72 18.17
CA ARG A 267 -1.37 -11.08 17.91
C ARG A 267 -1.41 -12.58 17.49
N GLY A 268 -0.65 -13.02 16.53
CA GLY A 268 -0.49 -14.33 15.96
C GLY A 268 -0.14 -15.33 17.05
N GLU A 269 0.85 -14.95 17.88
CA GLU A 269 1.27 -15.83 18.96
C GLU A 269 0.17 -15.99 20.01
N TYR A 270 -0.56 -14.96 20.37
CA TYR A 270 -1.65 -14.96 21.33
C TYR A 270 -2.81 -15.88 20.79
N VAL A 271 -3.18 -15.70 19.55
CA VAL A 271 -4.18 -16.47 18.81
C VAL A 271 -3.83 -17.98 18.80
N LEU A 272 -2.68 -18.41 18.38
CA LEU A 272 -2.24 -19.79 18.28
C LEU A 272 -2.14 -20.50 19.59
N GLU A 273 -1.66 -19.83 20.62
CA GLU A 273 -1.50 -20.36 21.97
C GLU A 273 -2.87 -20.55 22.58
N THR A 274 -3.78 -19.60 22.48
CA THR A 274 -5.13 -19.60 22.99
C THR A 274 -5.95 -20.75 22.37
N PHE A 275 -5.87 -20.96 21.09
CA PHE A 275 -6.53 -21.98 20.28
C PHE A 275 -6.00 -23.35 20.67
N GLY A 276 -4.83 -23.40 21.22
CA GLY A 276 -4.17 -24.59 21.74
C GLY A 276 -4.18 -25.84 20.87
N GLU A 277 -4.92 -26.86 21.25
CA GLU A 277 -4.99 -28.10 20.45
C GLU A 277 -5.54 -27.71 19.09
N ASN A 278 -6.32 -26.66 19.01
CA ASN A 278 -6.91 -26.21 17.76
C ASN A 278 -6.08 -25.18 16.97
N ALA A 279 -4.80 -25.12 17.26
CA ALA A 279 -3.90 -24.16 16.56
C ALA A 279 -3.86 -24.41 15.08
N SER A 280 -3.87 -25.65 14.57
CA SER A 280 -3.87 -25.85 13.10
C SER A 280 -5.20 -25.54 12.45
N HIS A 281 -6.25 -25.22 13.22
CA HIS A 281 -7.53 -24.89 12.64
C HIS A 281 -7.68 -23.38 12.42
N VAL A 282 -6.54 -22.68 12.75
CA VAL A 282 -6.50 -21.20 12.64
C VAL A 282 -5.73 -20.65 11.45
N ALA A 283 -6.36 -19.80 10.71
CA ALA A 283 -5.79 -19.08 9.60
C ALA A 283 -5.52 -17.63 10.18
N LEU A 284 -4.46 -17.01 9.65
CA LEU A 284 -4.03 -15.63 10.06
C LEU A 284 -4.36 -14.73 8.91
N LEU A 285 -5.20 -13.75 9.18
CA LEU A 285 -5.72 -12.81 8.21
C LEU A 285 -4.93 -11.48 8.32
N VAL A 286 -4.43 -11.14 7.17
CA VAL A 286 -3.64 -9.84 7.10
C VAL A 286 -4.15 -9.00 5.96
N ASP A 287 -4.53 -7.76 6.21
CA ASP A 287 -4.94 -6.92 5.04
C ASP A 287 -3.63 -6.33 4.47
N GLY A 288 -3.08 -6.94 3.48
CA GLY A 288 -1.82 -6.59 2.84
C GLY A 288 -1.80 -5.30 2.03
N TYR A 289 -3.00 -4.84 1.75
CA TYR A 289 -3.23 -3.62 0.96
C TYR A 289 -3.07 -2.44 1.93
N VAL A 290 -3.80 -2.39 3.01
CA VAL A 290 -3.67 -1.29 3.92
C VAL A 290 -2.40 -1.33 4.76
N ALA A 291 -1.85 -2.46 5.10
CA ALA A 291 -0.66 -2.57 5.95
C ALA A 291 0.58 -2.79 5.09
N GLY A 292 0.36 -3.14 3.84
CA GLY A 292 1.42 -3.38 2.85
C GLY A 292 2.19 -4.66 2.91
N ALA A 293 3.06 -4.80 1.93
CA ALA A 293 3.92 -5.99 1.79
C ALA A 293 4.63 -6.40 3.01
N ALA A 294 5.12 -5.50 3.89
CA ALA A 294 5.86 -5.92 5.07
C ALA A 294 5.00 -6.65 6.07
N ALA A 295 3.71 -6.40 6.12
CA ALA A 295 2.72 -7.04 7.03
C ALA A 295 2.58 -8.52 6.54
N ILE A 296 2.37 -8.61 5.25
CA ILE A 296 2.28 -9.94 4.59
C ILE A 296 3.51 -10.77 4.89
N THR A 297 4.74 -10.31 4.56
CA THR A 297 5.96 -11.02 4.82
C THR A 297 6.11 -11.24 6.28
N THR A 298 5.67 -10.35 7.19
CA THR A 298 5.89 -10.69 8.58
C THR A 298 5.17 -12.04 8.94
N ALA A 299 3.89 -12.09 8.61
CA ALA A 299 3.07 -13.32 8.93
C ALA A 299 3.66 -14.50 8.16
N ARG A 300 3.89 -14.40 6.88
CA ARG A 300 4.45 -15.48 6.04
C ARG A 300 5.66 -16.17 6.58
N ARG A 301 6.66 -15.38 7.03
CA ARG A 301 7.90 -15.92 7.55
C ARG A 301 7.81 -16.31 8.99
N ARG A 302 6.96 -15.68 9.75
CA ARG A 302 6.89 -16.04 11.17
C ARG A 302 5.93 -17.18 11.45
N PHE A 303 4.95 -17.34 10.64
CA PHE A 303 3.91 -18.46 10.89
C PHE A 303 3.79 -19.17 9.58
N PRO A 304 4.79 -19.90 9.16
CA PRO A 304 4.71 -20.55 7.83
C PRO A 304 3.85 -21.83 7.88
N ASP A 305 3.48 -22.25 9.06
CA ASP A 305 2.66 -23.46 9.14
C ASP A 305 1.20 -23.12 9.21
N ASN A 306 0.79 -21.92 9.15
CA ASN A 306 -0.64 -21.58 9.25
C ASN A 306 -0.98 -20.88 7.97
N PHE A 307 -2.17 -21.18 7.48
CA PHE A 307 -2.64 -20.52 6.27
C PHE A 307 -2.66 -18.99 6.54
N LEU A 308 -2.08 -18.28 5.58
CA LEU A 308 -1.99 -16.82 5.51
C LEU A 308 -3.05 -16.36 4.53
N HIS A 309 -4.06 -15.79 5.16
CA HIS A 309 -5.23 -15.28 4.49
C HIS A 309 -5.01 -13.81 4.12
N TYR A 310 -4.83 -13.58 2.87
CA TYR A 310 -4.59 -12.25 2.30
C TYR A 310 -5.92 -11.63 1.87
N HIS A 311 -6.38 -10.69 2.67
CA HIS A 311 -7.58 -9.90 2.47
C HIS A 311 -7.15 -8.65 1.69
N ARG A 312 -7.96 -8.28 0.70
CA ARG A 312 -7.67 -7.11 -0.16
C ARG A 312 -8.21 -5.69 0.11
N ALA A 313 -8.83 -5.37 1.24
CA ALA A 313 -9.43 -4.08 1.58
C ALA A 313 -8.87 -2.82 0.94
N GLY A 314 -9.78 -2.11 0.30
CA GLY A 314 -9.57 -0.83 -0.36
C GLY A 314 -8.55 -0.66 -1.46
N HIS A 315 -8.18 -1.82 -1.98
CA HIS A 315 -7.22 -1.90 -3.09
C HIS A 315 -8.00 -1.50 -4.35
N GLY A 316 -9.18 -0.99 -4.02
CA GLY A 316 -10.22 -0.55 -4.94
C GLY A 316 -9.71 0.68 -5.68
N ALA A 317 -9.16 1.58 -4.88
CA ALA A 317 -8.61 2.80 -5.49
C ALA A 317 -7.71 2.48 -6.68
N VAL A 318 -7.03 1.33 -6.69
CA VAL A 318 -6.16 1.08 -7.86
C VAL A 318 -6.63 0.02 -8.84
N THR A 319 -6.96 -1.15 -8.32
CA THR A 319 -7.38 -2.27 -9.17
C THR A 319 -8.69 -2.02 -9.88
N SER A 320 -9.56 -1.18 -9.38
CA SER A 320 -10.85 -0.87 -10.02
C SER A 320 -10.67 -0.50 -11.49
N PRO A 321 -11.49 -1.04 -12.36
CA PRO A 321 -11.39 -0.80 -13.80
C PRO A 321 -11.75 0.59 -14.23
N GLN A 322 -12.34 1.43 -13.39
CA GLN A 322 -12.63 2.82 -13.82
C GLN A 322 -11.26 3.54 -13.70
N SER A 323 -10.31 2.94 -13.03
CA SER A 323 -8.95 3.45 -12.79
C SER A 323 -8.04 2.97 -13.93
N LYS A 324 -7.32 3.95 -14.41
CA LYS A 324 -6.34 3.90 -15.48
C LYS A 324 -4.90 3.90 -14.99
N ARG A 325 -4.69 3.88 -13.68
CA ARG A 325 -3.33 3.92 -13.14
C ARG A 325 -3.10 2.80 -12.15
N GLY A 326 -1.89 2.41 -11.85
CA GLY A 326 -1.70 1.32 -10.86
C GLY A 326 -1.60 0.02 -11.66
N TYR A 327 -2.40 -0.96 -11.23
CA TYR A 327 -2.39 -2.29 -11.90
C TYR A 327 -3.77 -2.94 -11.66
N THR A 328 -4.00 -3.99 -12.44
CA THR A 328 -5.26 -4.77 -12.38
C THR A 328 -5.33 -5.76 -11.24
N ALA A 329 -6.53 -6.36 -11.03
CA ALA A 329 -6.76 -7.35 -9.97
C ALA A 329 -5.92 -8.57 -10.30
N PHE A 330 -5.87 -8.85 -11.57
CA PHE A 330 -5.05 -9.98 -12.07
C PHE A 330 -3.64 -9.84 -11.52
N VAL A 331 -3.04 -8.66 -11.80
CA VAL A 331 -1.65 -8.39 -11.37
C VAL A 331 -1.52 -8.49 -9.89
N HIS A 332 -2.49 -7.93 -9.18
CA HIS A 332 -2.44 -7.97 -7.69
C HIS A 332 -2.33 -9.37 -7.10
N CYS A 333 -3.24 -10.25 -7.64
CA CYS A 333 -3.36 -11.67 -7.22
C CYS A 333 -2.13 -12.42 -7.65
N LYS A 334 -1.68 -12.22 -8.87
CA LYS A 334 -0.42 -12.92 -9.27
C LYS A 334 0.71 -12.56 -8.30
N MET A 335 0.83 -11.26 -7.90
CA MET A 335 1.87 -10.84 -6.97
C MET A 335 1.72 -11.55 -5.65
N ALA A 336 0.43 -11.67 -5.25
CA ALA A 336 0.17 -12.37 -3.94
C ALA A 336 0.76 -13.78 -3.79
N ARG A 337 0.76 -14.54 -4.87
CA ARG A 337 1.31 -15.90 -4.90
C ARG A 337 2.78 -15.86 -4.63
N LEU A 338 3.52 -15.01 -5.37
CA LEU A 338 4.99 -14.83 -5.16
C LEU A 338 5.26 -14.38 -3.75
N GLN A 339 4.42 -13.54 -3.18
CA GLN A 339 4.57 -13.06 -1.78
C GLN A 339 4.44 -14.14 -0.74
N GLY A 340 3.58 -15.16 -1.12
CA GLY A 340 3.45 -16.25 -0.15
C GLY A 340 2.01 -16.24 0.44
N ALA A 341 1.07 -15.58 -0.13
CA ALA A 341 -0.29 -15.65 0.47
C ALA A 341 -0.74 -17.17 0.21
N SER A 342 -1.46 -17.68 1.20
CA SER A 342 -2.01 -19.08 1.17
C SER A 342 -3.29 -19.08 0.35
N GLY A 343 -4.07 -18.02 0.40
CA GLY A 343 -5.28 -17.73 -0.31
C GLY A 343 -5.56 -16.22 -0.37
N ILE A 344 -6.26 -15.75 -1.33
CA ILE A 344 -6.55 -14.35 -1.41
C ILE A 344 -7.94 -14.20 -1.92
N HIS A 345 -8.67 -13.21 -1.49
CA HIS A 345 -10.02 -12.96 -1.95
C HIS A 345 -9.99 -12.69 -3.44
N THR A 346 -10.66 -13.40 -4.29
CA THR A 346 -10.54 -13.05 -5.71
C THR A 346 -11.86 -12.65 -6.33
N GLY A 347 -13.00 -12.91 -5.73
CA GLY A 347 -14.38 -12.67 -6.11
C GLY A 347 -15.14 -13.61 -7.05
N THR A 348 -16.47 -13.66 -6.91
CA THR A 348 -17.27 -14.52 -7.79
C THR A 348 -17.23 -13.84 -9.17
N SER A 358 -10.71 -10.83 -19.96
CA SER A 358 -10.77 -10.69 -18.48
C SER A 358 -10.90 -12.09 -17.88
N SER A 359 -11.58 -12.12 -16.76
CA SER A 359 -11.93 -13.32 -16.04
C SER A 359 -11.18 -13.80 -14.81
N ASP A 360 -11.94 -13.82 -13.72
CA ASP A 360 -11.53 -14.27 -12.40
C ASP A 360 -11.15 -15.76 -12.59
N ARG A 361 -11.74 -16.37 -13.60
CA ARG A 361 -11.43 -17.82 -13.86
C ARG A 361 -9.93 -17.88 -14.24
N ALA A 362 -9.54 -16.83 -14.94
CA ALA A 362 -8.14 -16.64 -15.39
C ALA A 362 -7.23 -16.35 -14.20
N ILE A 363 -7.81 -15.60 -13.26
CA ILE A 363 -7.08 -15.34 -12.03
C ILE A 363 -6.90 -16.65 -11.30
N ALA A 364 -8.08 -17.33 -11.11
CA ALA A 364 -8.08 -18.65 -10.38
C ALA A 364 -7.01 -19.62 -10.92
N TYR A 365 -6.94 -19.77 -12.24
CA TYR A 365 -5.99 -20.64 -12.91
C TYR A 365 -4.50 -20.26 -12.71
N MET A 366 -4.31 -18.93 -12.82
CA MET A 366 -2.95 -18.32 -12.62
C MET A 366 -2.53 -18.50 -11.18
N LEU A 367 -3.50 -18.50 -10.23
CA LEU A 367 -3.14 -18.74 -8.83
C LEU A 367 -2.91 -20.17 -8.40
N THR A 368 -3.65 -21.07 -9.09
CA THR A 368 -3.55 -22.51 -8.74
C THR A 368 -2.77 -23.44 -9.64
N GLN A 369 -2.67 -23.20 -10.90
CA GLN A 369 -1.93 -24.09 -11.82
C GLN A 369 -0.44 -23.88 -11.87
N ASP A 370 0.31 -24.87 -12.36
CA ASP A 370 1.74 -24.82 -12.49
C ASP A 370 2.11 -24.10 -13.79
N GLU A 371 1.14 -23.93 -14.63
CA GLU A 371 1.33 -23.31 -15.95
C GLU A 371 0.00 -22.67 -16.27
N ALA A 372 0.03 -21.34 -16.42
CA ALA A 372 -1.18 -20.57 -16.66
C ALA A 372 -0.88 -19.47 -17.65
N GLN A 373 -1.92 -19.08 -18.31
CA GLN A 373 -2.00 -18.06 -19.35
C GLN A 373 -2.59 -16.78 -18.77
N GLY A 374 -1.86 -15.68 -18.93
CA GLY A 374 -2.43 -14.41 -18.41
C GLY A 374 -2.88 -13.67 -19.69
N PRO A 375 -3.43 -12.51 -19.44
CA PRO A 375 -3.91 -11.67 -20.50
C PRO A 375 -2.83 -11.50 -21.54
N PHE A 376 -1.57 -11.50 -21.18
CA PHE A 376 -0.45 -11.33 -22.13
C PHE A 376 0.67 -12.34 -21.98
N TYR A 377 0.91 -12.88 -20.82
CA TYR A 377 2.00 -13.81 -20.74
C TYR A 377 1.55 -15.15 -20.14
N ARG A 378 2.20 -16.16 -20.66
CA ARG A 378 2.00 -17.53 -20.19
C ARG A 378 3.08 -17.64 -19.13
N GLN A 379 2.74 -18.13 -17.93
CA GLN A 379 3.69 -18.30 -16.84
C GLN A 379 3.81 -19.69 -16.26
N SER A 380 4.98 -20.25 -16.09
CA SER A 380 5.31 -21.48 -15.43
C SER A 380 5.67 -21.07 -13.99
N TRP A 381 5.40 -21.94 -13.03
CA TRP A 381 5.61 -21.66 -11.63
C TRP A 381 6.67 -22.50 -11.00
N GLY A 382 7.22 -23.39 -11.83
CA GLY A 382 8.24 -24.34 -11.41
C GLY A 382 8.08 -24.96 -10.06
N GLY A 383 6.83 -25.38 -9.75
CA GLY A 383 6.58 -26.05 -8.48
C GLY A 383 6.23 -25.13 -7.32
N MET A 384 5.99 -23.85 -7.63
CA MET A 384 5.65 -22.98 -6.46
C MET A 384 4.25 -23.38 -5.99
N LYS A 385 4.06 -23.48 -4.70
CA LYS A 385 2.70 -23.85 -4.24
C LYS A 385 1.66 -22.90 -4.77
N ALA A 386 0.45 -23.48 -4.94
CA ALA A 386 -0.71 -22.73 -5.39
C ALA A 386 -1.12 -21.77 -4.23
N CYS A 387 -1.83 -20.77 -4.64
CA CYS A 387 -2.46 -19.74 -3.79
C CYS A 387 -3.99 -19.98 -3.96
N THR A 388 -4.72 -20.29 -2.92
CA THR A 388 -6.15 -20.56 -3.08
C THR A 388 -7.10 -19.45 -3.34
N PRO A 389 -7.93 -19.49 -4.32
CA PRO A 389 -8.94 -18.45 -4.52
C PRO A 389 -9.92 -18.55 -3.33
N ILE A 390 -10.33 -17.43 -2.82
CA ILE A 390 -11.30 -17.19 -1.79
C ILE A 390 -12.38 -16.43 -2.54
N ILE A 391 -13.57 -16.94 -2.64
CA ILE A 391 -14.67 -16.33 -3.36
C ILE A 391 -15.68 -15.86 -2.29
N SER A 392 -16.38 -14.83 -2.73
CA SER A 392 -17.36 -14.20 -1.82
C SER A 392 -18.63 -14.00 -2.60
N GLY A 393 -19.55 -13.50 -1.79
CA GLY A 393 -20.90 -13.22 -2.33
C GLY A 393 -21.78 -14.38 -1.83
N GLY A 394 -22.46 -14.93 -2.81
CA GLY A 394 -23.40 -16.02 -2.55
C GLY A 394 -24.19 -16.39 -3.81
N MET A 395 -24.42 -17.71 -3.84
CA MET A 395 -25.20 -18.43 -4.87
C MET A 395 -25.89 -19.48 -3.97
N ASN A 396 -27.17 -19.68 -4.18
CA ASN A 396 -27.88 -20.71 -3.36
C ASN A 396 -27.31 -22.08 -3.74
N ALA A 397 -27.73 -23.13 -3.07
CA ALA A 397 -27.19 -24.46 -3.36
C ALA A 397 -27.48 -24.84 -4.80
N LEU A 398 -28.57 -24.35 -5.36
CA LEU A 398 -29.07 -24.61 -6.72
C LEU A 398 -28.19 -24.09 -7.84
N ARG A 399 -27.55 -22.97 -7.72
CA ARG A 399 -26.67 -22.35 -8.69
C ARG A 399 -25.22 -22.82 -8.54
N MET A 400 -24.86 -23.13 -7.35
CA MET A 400 -23.53 -23.57 -6.95
C MET A 400 -22.88 -24.46 -7.98
N PRO A 401 -23.60 -25.50 -8.34
CA PRO A 401 -23.09 -26.50 -9.32
C PRO A 401 -22.62 -25.91 -10.64
N GLY A 402 -23.35 -24.92 -11.13
CA GLY A 402 -23.06 -24.19 -12.36
C GLY A 402 -21.70 -23.47 -12.26
N PHE A 403 -21.39 -22.96 -11.09
CA PHE A 403 -20.12 -22.26 -10.84
C PHE A 403 -18.95 -23.25 -10.91
N PHE A 404 -19.12 -24.38 -10.22
CA PHE A 404 -18.05 -25.39 -10.24
C PHE A 404 -17.85 -25.91 -11.67
N GLU A 405 -18.90 -26.02 -12.45
CA GLU A 405 -18.77 -26.55 -13.81
C GLU A 405 -17.84 -25.71 -14.70
N ASN A 406 -18.12 -24.44 -14.65
CA ASN A 406 -17.42 -23.36 -15.35
C ASN A 406 -15.98 -23.37 -14.84
N LEU A 407 -15.72 -23.32 -13.55
CA LEU A 407 -14.37 -23.30 -12.99
C LEU A 407 -13.65 -24.61 -13.23
N GLY A 408 -14.32 -25.75 -13.13
CA GLY A 408 -13.73 -27.04 -13.34
C GLY A 408 -13.28 -27.74 -12.10
N ASN A 409 -13.45 -27.13 -10.96
CA ASN A 409 -13.07 -27.71 -9.67
C ASN A 409 -13.93 -26.91 -8.68
N ALA A 410 -13.89 -27.27 -7.45
CA ALA A 410 -14.61 -26.65 -6.36
C ALA A 410 -13.57 -26.49 -5.27
N ASN A 411 -12.28 -26.42 -5.62
CA ASN A 411 -11.22 -26.25 -4.60
C ASN A 411 -11.07 -24.74 -4.18
N VAL A 412 -12.10 -24.20 -3.57
CA VAL A 412 -12.11 -22.80 -3.17
C VAL A 412 -12.74 -22.69 -1.78
N ILE A 413 -12.43 -21.56 -1.15
CA ILE A 413 -12.95 -21.17 0.14
C ILE A 413 -14.06 -20.16 -0.18
N LEU A 414 -15.28 -20.48 0.30
CA LEU A 414 -16.38 -19.56 0.07
C LEU A 414 -16.68 -18.74 1.34
N THR A 415 -16.65 -17.42 1.21
CA THR A 415 -16.95 -16.49 2.34
C THR A 415 -18.14 -15.65 1.81
N ALA A 416 -19.27 -16.32 1.90
CA ALA A 416 -20.62 -15.97 1.54
C ALA A 416 -21.41 -14.98 2.40
N GLY A 417 -22.12 -14.07 1.76
CA GLY A 417 -22.95 -13.11 2.56
C GLY A 417 -23.94 -14.06 3.25
N GLY A 418 -24.52 -13.72 4.39
CA GLY A 418 -25.49 -14.61 5.07
C GLY A 418 -26.74 -14.84 4.19
N GLY A 419 -26.86 -14.17 3.04
CA GLY A 419 -28.02 -14.32 2.15
C GLY A 419 -27.99 -15.62 1.34
N ALA A 420 -26.79 -16.04 1.03
CA ALA A 420 -26.51 -17.28 0.26
C ALA A 420 -26.92 -18.39 1.24
N PHE A 421 -27.07 -18.00 2.51
CA PHE A 421 -27.49 -19.00 3.50
C PHE A 421 -29.00 -18.87 3.73
N GLY A 422 -29.72 -18.17 2.87
CA GLY A 422 -31.20 -18.07 3.03
C GLY A 422 -31.80 -19.49 2.84
N HIS A 423 -32.76 -19.80 3.69
CA HIS A 423 -33.40 -21.14 3.57
C HIS A 423 -34.63 -21.15 4.43
N ILE A 424 -35.76 -21.70 4.01
CA ILE A 424 -36.95 -21.67 4.91
C ILE A 424 -36.72 -22.34 6.25
N ASP A 425 -35.76 -23.25 6.31
CA ASP A 425 -35.43 -23.95 7.56
C ASP A 425 -34.34 -23.25 8.40
N GLY A 426 -33.71 -22.19 7.93
CA GLY A 426 -32.66 -21.48 8.67
C GLY A 426 -31.28 -21.64 8.03
N PRO A 427 -30.34 -20.81 8.52
CA PRO A 427 -28.96 -20.77 8.04
C PRO A 427 -28.11 -22.02 8.28
N VAL A 428 -28.49 -22.86 9.25
CA VAL A 428 -27.70 -24.09 9.47
C VAL A 428 -27.98 -24.95 8.20
N ALA A 429 -29.27 -25.00 7.95
CA ALA A 429 -29.79 -25.78 6.80
C ALA A 429 -29.27 -25.22 5.47
N GLY A 430 -29.11 -23.89 5.46
CA GLY A 430 -28.61 -23.11 4.32
C GLY A 430 -27.15 -23.48 3.98
N ALA A 431 -26.31 -23.51 4.99
CA ALA A 431 -24.90 -23.87 4.86
C ALA A 431 -24.83 -25.37 4.50
N ARG A 432 -25.68 -26.17 5.15
CA ARG A 432 -25.68 -27.63 4.81
C ARG A 432 -25.99 -27.90 3.36
N SER A 433 -26.92 -27.15 2.82
CA SER A 433 -27.35 -27.31 1.45
C SER A 433 -26.21 -27.02 0.50
N LEU A 434 -25.32 -26.11 0.87
CA LEU A 434 -24.19 -25.75 -0.03
C LEU A 434 -23.22 -26.94 -0.09
N ARG A 435 -22.96 -27.51 1.05
CA ARG A 435 -22.11 -28.67 1.22
C ARG A 435 -22.72 -29.88 0.41
N GLN A 436 -24.03 -30.03 0.52
CA GLN A 436 -24.79 -31.12 -0.17
C GLN A 436 -24.72 -30.91 -1.64
N ALA A 437 -24.87 -29.71 -2.14
CA ALA A 437 -24.76 -29.37 -3.55
C ALA A 437 -23.33 -29.68 -4.08
N TRP A 438 -22.32 -29.43 -3.24
CA TRP A 438 -20.93 -29.69 -3.60
C TRP A 438 -20.73 -31.22 -3.75
N GLN A 439 -21.15 -31.93 -2.73
CA GLN A 439 -21.13 -33.41 -2.65
C GLN A 439 -21.82 -33.98 -3.88
N ALA A 440 -23.03 -33.61 -4.23
CA ALA A 440 -23.67 -34.14 -5.47
C ALA A 440 -22.79 -33.99 -6.70
N TRP A 441 -22.33 -32.74 -6.91
CA TRP A 441 -21.49 -32.29 -8.03
C TRP A 441 -20.18 -33.10 -8.14
N ARG A 442 -19.56 -33.28 -6.99
CA ARG A 442 -18.34 -34.00 -6.81
C ARG A 442 -18.50 -35.48 -7.25
N ASP A 443 -19.57 -36.09 -6.75
CA ASP A 443 -19.90 -37.50 -6.96
C ASP A 443 -20.45 -37.68 -8.35
N GLY A 444 -20.93 -36.68 -9.01
CA GLY A 444 -21.44 -36.81 -10.38
C GLY A 444 -22.87 -37.33 -10.32
N VAL A 445 -23.43 -37.20 -9.12
CA VAL A 445 -24.83 -37.64 -8.85
C VAL A 445 -25.73 -36.48 -9.25
N PRO A 446 -26.84 -36.84 -9.88
CA PRO A 446 -27.80 -35.82 -10.32
C PRO A 446 -28.27 -35.19 -9.02
N VAL A 447 -28.43 -33.87 -9.00
CA VAL A 447 -28.86 -33.12 -7.77
C VAL A 447 -30.27 -33.45 -7.25
N LEU A 448 -31.20 -33.55 -8.22
CA LEU A 448 -32.60 -33.87 -7.89
C LEU A 448 -32.60 -35.16 -7.08
N ASP A 449 -31.79 -36.10 -7.48
CA ASP A 449 -31.68 -37.39 -6.77
C ASP A 449 -31.03 -37.35 -5.41
N TYR A 450 -30.04 -36.44 -5.30
CA TYR A 450 -29.31 -36.25 -4.03
C TYR A 450 -30.21 -35.62 -2.96
N ALA A 451 -31.00 -34.68 -3.42
CA ALA A 451 -32.00 -33.92 -2.64
C ALA A 451 -32.95 -34.89 -1.94
N ARG A 452 -33.47 -35.86 -2.70
CA ARG A 452 -34.41 -36.87 -2.14
C ARG A 452 -33.89 -37.48 -0.85
N GLU A 453 -32.58 -37.68 -0.78
CA GLU A 453 -31.95 -38.27 0.41
C GLU A 453 -31.25 -37.28 1.34
N HIS A 454 -31.40 -36.01 1.04
CA HIS A 454 -30.79 -34.89 1.80
C HIS A 454 -31.76 -33.73 1.96
N LYS A 455 -32.34 -33.66 3.12
CA LYS A 455 -33.36 -32.73 3.61
C LYS A 455 -33.09 -31.28 3.28
N GLU A 456 -31.90 -30.82 3.68
CA GLU A 456 -31.59 -29.36 3.46
C GLU A 456 -31.46 -29.05 2.01
N LEU A 457 -30.82 -29.92 1.21
CA LEU A 457 -30.74 -29.55 -0.23
C LEU A 457 -32.17 -29.56 -0.82
N ALA A 458 -32.88 -30.63 -0.42
CA ALA A 458 -34.28 -30.85 -0.82
C ALA A 458 -35.16 -29.64 -0.54
N ARG A 459 -35.10 -29.20 0.71
CA ARG A 459 -35.79 -28.05 1.27
C ARG A 459 -35.38 -26.74 0.62
N ALA A 460 -34.19 -26.68 0.08
CA ALA A 460 -33.60 -25.52 -0.58
C ALA A 460 -34.33 -25.27 -1.88
N PHE A 461 -34.68 -26.31 -2.61
CA PHE A 461 -35.39 -26.28 -3.89
C PHE A 461 -36.61 -25.38 -3.86
N GLU A 462 -37.29 -25.46 -2.75
CA GLU A 462 -38.51 -24.82 -2.27
C GLU A 462 -38.27 -23.40 -1.76
N SER A 463 -37.10 -23.19 -1.20
CA SER A 463 -36.67 -21.90 -0.64
C SER A 463 -36.55 -20.93 -1.81
N PHE A 464 -36.23 -21.52 -2.94
CA PHE A 464 -36.03 -20.75 -4.20
C PHE A 464 -36.63 -21.65 -5.29
N PRO A 465 -37.96 -21.81 -5.23
CA PRO A 465 -38.75 -22.61 -6.16
C PRO A 465 -38.68 -21.95 -7.53
N GLY A 466 -38.53 -20.64 -7.52
CA GLY A 466 -38.42 -19.87 -8.75
C GLY A 466 -37.15 -20.21 -9.52
N ASP A 467 -36.09 -20.42 -8.77
CA ASP A 467 -34.74 -20.76 -9.26
C ASP A 467 -34.67 -22.20 -9.78
N ALA A 468 -35.39 -23.05 -9.09
CA ALA A 468 -35.51 -24.47 -9.40
C ALA A 468 -36.20 -24.53 -10.76
N ASP A 469 -37.37 -23.93 -10.80
CA ASP A 469 -38.15 -23.89 -12.06
C ASP A 469 -37.15 -23.75 -13.23
N GLN A 470 -36.59 -22.54 -13.31
CA GLN A 470 -35.66 -22.21 -14.38
C GLN A 470 -34.63 -23.34 -14.61
N ILE A 471 -33.92 -23.65 -13.52
CA ILE A 471 -32.87 -24.65 -13.48
C ILE A 471 -33.26 -26.12 -13.59
N TYR A 472 -34.06 -26.60 -12.67
CA TYR A 472 -34.52 -28.00 -12.58
C TYR A 472 -36.05 -28.13 -12.65
N PRO A 473 -36.64 -28.05 -13.82
CA PRO A 473 -38.10 -28.17 -13.95
C PRO A 473 -38.51 -29.63 -13.78
N GLY A 474 -39.36 -29.85 -12.78
CA GLY A 474 -39.91 -31.16 -12.43
C GLY A 474 -39.41 -31.61 -11.08
N TRP A 475 -38.75 -30.68 -10.43
CA TRP A 475 -38.18 -30.93 -9.08
C TRP A 475 -39.26 -31.37 -8.08
N ARG A 476 -40.33 -30.58 -8.05
CA ARG A 476 -41.53 -30.72 -7.21
C ARG A 476 -42.11 -32.12 -7.41
N LYS A 477 -42.20 -32.41 -8.69
CA LYS A 477 -42.66 -33.64 -9.34
C LYS A 477 -41.93 -34.81 -8.68
N ALA A 478 -40.62 -34.62 -8.81
CA ALA A 478 -39.53 -35.47 -8.37
C ALA A 478 -39.39 -35.53 -6.85
N LEU A 479 -39.97 -34.52 -6.23
CA LEU A 479 -39.91 -34.41 -4.77
C LEU A 479 -41.23 -34.77 -4.12
N GLY A 480 -42.32 -34.29 -4.68
CA GLY A 480 -43.67 -34.56 -4.13
C GLY A 480 -44.35 -33.18 -4.12
N VAL A 481 -43.71 -32.34 -3.34
CA VAL A 481 -44.06 -30.94 -3.08
C VAL A 481 -45.01 -30.32 -4.10
N ASP B 26 -27.66 1.72 3.03
CA ASP B 26 -28.11 1.28 4.36
C ASP B 26 -28.89 2.39 5.06
N GLN B 27 -29.35 2.08 6.26
CA GLN B 27 -30.17 2.85 7.16
C GLN B 27 -30.00 4.36 7.25
N SER B 28 -30.74 4.99 6.34
CA SER B 28 -30.79 6.46 6.20
C SER B 28 -31.24 7.19 7.46
N SER B 29 -31.88 6.59 8.43
CA SER B 29 -32.36 7.15 9.69
C SER B 29 -31.47 6.85 10.90
N ARG B 30 -30.68 5.82 10.81
CA ARG B 30 -29.82 5.39 11.90
C ARG B 30 -28.45 6.07 11.90
N TYR B 31 -27.84 6.02 10.74
CA TYR B 31 -26.49 6.58 10.55
C TYR B 31 -26.45 8.02 10.12
N VAL B 32 -27.51 8.75 10.26
CA VAL B 32 -27.61 10.14 9.85
C VAL B 32 -28.10 11.00 11.00
N ASN B 33 -27.35 12.05 11.31
CA ASN B 33 -27.70 12.96 12.40
C ASN B 33 -27.21 14.36 11.99
N LEU B 34 -28.00 14.97 11.13
CA LEU B 34 -27.65 16.31 10.68
C LEU B 34 -27.87 17.35 11.76
N ALA B 35 -28.29 17.07 12.96
CA ALA B 35 -28.47 18.10 13.99
C ALA B 35 -27.20 18.25 14.85
N LEU B 36 -26.25 17.34 14.65
CA LEU B 36 -24.97 17.33 15.35
C LEU B 36 -24.15 18.56 14.87
N LYS B 37 -23.52 19.22 15.81
CA LYS B 37 -22.71 20.41 15.42
C LYS B 37 -21.23 20.03 15.45
N GLU B 38 -20.61 20.35 14.33
CA GLU B 38 -19.17 20.01 14.19
C GLU B 38 -18.38 20.52 15.38
N GLU B 39 -18.75 21.75 15.76
CA GLU B 39 -18.10 22.37 16.93
C GLU B 39 -18.28 21.48 18.14
N ASP B 40 -19.47 20.94 18.36
CA ASP B 40 -19.70 20.05 19.52
C ASP B 40 -18.89 18.76 19.38
N LEU B 41 -18.85 18.29 18.15
CA LEU B 41 -18.09 17.05 17.85
C LEU B 41 -16.60 17.19 18.25
N ILE B 42 -16.03 18.36 17.87
CA ILE B 42 -14.60 18.59 18.16
C ILE B 42 -14.40 18.73 19.65
N ALA B 43 -15.23 19.59 20.23
CA ALA B 43 -15.14 19.86 21.68
C ALA B 43 -15.31 18.58 22.47
N GLY B 44 -16.21 17.71 22.02
CA GLY B 44 -16.44 16.42 22.72
C GLY B 44 -15.19 15.56 22.78
N GLY B 45 -14.39 15.65 21.72
CA GLY B 45 -13.12 14.91 21.67
C GLY B 45 -13.28 13.39 21.56
N GLU B 46 -14.45 12.87 21.18
CA GLU B 46 -14.54 11.41 21.07
C GLU B 46 -14.89 10.92 19.70
N HIS B 47 -14.72 11.68 18.68
CA HIS B 47 -14.97 11.27 17.31
C HIS B 47 -13.88 11.63 16.31
N VAL B 48 -13.52 10.75 15.39
CA VAL B 48 -12.60 11.05 14.31
C VAL B 48 -13.51 11.65 13.22
N LEU B 49 -13.26 12.80 12.58
CA LEU B 49 -14.15 13.31 11.55
C LEU B 49 -13.48 13.18 10.21
N CYS B 50 -14.18 12.82 9.14
CA CYS B 50 -13.56 12.70 7.83
C CYS B 50 -14.48 13.45 6.92
N ALA B 51 -13.95 14.06 5.92
CA ALA B 51 -14.62 14.86 4.91
C ALA B 51 -14.24 14.19 3.59
N TYR B 52 -15.29 13.95 2.83
CA TYR B 52 -15.20 13.27 1.56
C TYR B 52 -15.90 14.01 0.43
N ILE B 53 -15.36 13.75 -0.73
CA ILE B 53 -15.90 14.19 -2.01
C ILE B 53 -16.49 12.83 -2.53
N MET B 54 -17.80 12.72 -2.35
CA MET B 54 -18.60 11.53 -2.68
C MET B 54 -19.79 11.79 -3.63
N LYS B 55 -19.83 10.96 -4.65
CA LYS B 55 -20.94 11.00 -5.63
C LYS B 55 -21.64 9.60 -5.64
N PRO B 56 -22.94 9.59 -5.46
CA PRO B 56 -23.73 8.35 -5.48
C PRO B 56 -24.02 8.02 -6.94
N LYS B 57 -24.15 6.74 -7.29
CA LYS B 57 -24.45 6.35 -8.68
C LYS B 57 -25.85 6.82 -9.07
N ALA B 58 -26.06 6.87 -10.39
CA ALA B 58 -27.36 7.32 -10.95
C ALA B 58 -28.59 6.79 -10.24
N GLY B 59 -29.42 7.70 -9.78
CA GLY B 59 -30.66 7.29 -9.16
C GLY B 59 -30.70 7.06 -7.70
N TYR B 60 -29.57 7.11 -6.99
CA TYR B 60 -29.68 6.94 -5.51
C TYR B 60 -29.69 8.33 -4.90
N GLY B 61 -30.42 8.50 -3.85
CA GLY B 61 -30.53 9.75 -3.10
C GLY B 61 -29.18 9.95 -2.35
N TYR B 62 -28.77 11.22 -2.33
CA TYR B 62 -27.52 11.57 -1.64
C TYR B 62 -27.48 11.13 -0.19
N VAL B 63 -28.46 11.51 0.64
CA VAL B 63 -28.39 11.13 2.04
C VAL B 63 -28.34 9.64 2.29
N ALA B 64 -29.07 8.87 1.51
CA ALA B 64 -29.27 7.44 1.53
C ALA B 64 -27.94 6.71 1.37
N THR B 65 -27.30 7.20 0.34
CA THR B 65 -25.99 6.68 -0.08
C THR B 65 -24.88 6.94 0.96
N ALA B 66 -24.92 8.13 1.53
CA ALA B 66 -23.92 8.54 2.55
C ALA B 66 -24.18 7.69 3.78
N ALA B 67 -25.50 7.43 4.03
CA ALA B 67 -25.92 6.63 5.19
C ALA B 67 -25.40 5.18 5.06
N HIS B 68 -25.42 4.66 3.86
CA HIS B 68 -24.95 3.31 3.54
C HIS B 68 -23.44 3.28 3.62
N PHE B 69 -22.84 4.39 3.19
CA PHE B 69 -21.36 4.58 3.24
C PHE B 69 -20.93 4.59 4.72
N ALA B 70 -21.57 5.32 5.62
CA ALA B 70 -21.19 5.34 7.03
C ALA B 70 -21.38 3.98 7.67
N ALA B 71 -22.43 3.26 7.31
CA ALA B 71 -22.83 1.91 7.73
C ALA B 71 -21.75 0.92 7.30
N GLU B 72 -21.50 0.82 6.01
CA GLU B 72 -20.47 -0.09 5.55
C GLU B 72 -19.10 0.27 6.09
N SER B 73 -18.91 1.46 6.67
CA SER B 73 -17.59 1.89 7.17
C SER B 73 -17.54 1.65 8.65
N SER B 74 -18.66 1.37 9.28
CA SER B 74 -18.67 1.17 10.73
C SER B 74 -19.31 -0.15 11.19
N THR B 75 -20.51 -0.09 11.72
CA THR B 75 -21.25 -1.20 12.27
C THR B 75 -22.12 -1.89 11.24
N GLY B 76 -21.85 -1.57 10.01
CA GLY B 76 -22.56 -2.08 8.84
C GLY B 76 -23.94 -2.69 9.12
N THR B 88 -24.51 9.86 17.78
CA THR B 88 -23.21 10.33 18.25
C THR B 88 -22.09 9.33 18.38
N ARG B 89 -21.65 9.11 19.59
CA ARG B 89 -20.56 8.25 19.99
C ARG B 89 -21.11 6.93 20.50
N GLY B 90 -21.94 6.36 19.65
CA GLY B 90 -22.47 4.99 20.01
C GLY B 90 -21.25 4.22 19.40
N VAL B 91 -21.54 3.35 18.47
CA VAL B 91 -20.36 2.71 17.83
C VAL B 91 -20.56 2.90 16.35
N ASP B 92 -21.72 3.41 16.01
CA ASP B 92 -22.13 3.65 14.64
C ASP B 92 -21.46 4.92 14.09
N ALA B 93 -21.05 4.86 12.84
CA ALA B 93 -20.48 6.07 12.24
C ALA B 93 -21.70 6.91 11.78
N LEU B 94 -21.70 8.20 12.05
CA LEU B 94 -22.77 9.10 11.63
C LEU B 94 -22.41 10.19 10.64
N VAL B 95 -23.26 10.38 9.68
CA VAL B 95 -23.12 11.45 8.67
C VAL B 95 -23.71 12.68 9.44
N TYR B 96 -22.90 13.72 9.69
CA TYR B 96 -23.38 14.92 10.39
C TYR B 96 -23.52 16.13 9.49
N GLU B 97 -23.10 16.06 8.25
CA GLU B 97 -23.22 17.22 7.33
C GLU B 97 -23.16 16.68 5.91
N VAL B 98 -23.97 17.18 5.07
CA VAL B 98 -24.13 16.80 3.67
C VAL B 98 -24.31 18.07 2.84
N ASP B 99 -23.86 18.08 1.61
CA ASP B 99 -23.99 19.23 0.71
C ASP B 99 -23.96 18.48 -0.61
N GLU B 100 -25.15 18.24 -1.08
CA GLU B 100 -25.24 17.47 -2.35
C GLU B 100 -24.76 18.24 -3.55
N ALA B 101 -24.87 19.56 -3.48
CA ALA B 101 -24.43 20.36 -4.67
C ALA B 101 -22.91 20.30 -4.75
N ARG B 102 -22.27 20.33 -3.57
CA ARG B 102 -20.81 20.25 -3.54
C ARG B 102 -20.26 18.84 -3.45
N GLU B 103 -21.09 17.84 -3.45
CA GLU B 103 -20.65 16.43 -3.34
C GLU B 103 -19.88 16.21 -2.06
N LEU B 104 -20.30 16.88 -1.02
CA LEU B 104 -19.68 16.80 0.30
C LEU B 104 -20.39 15.96 1.33
N THR B 105 -19.69 14.97 1.86
CA THR B 105 -20.17 14.10 2.92
C THR B 105 -19.19 14.14 4.08
N LYS B 106 -19.59 14.43 5.27
CA LYS B 106 -18.76 14.46 6.47
C LYS B 106 -19.32 13.43 7.45
N ILE B 107 -18.46 12.54 7.90
CA ILE B 107 -18.80 11.47 8.81
C ILE B 107 -18.05 11.52 10.13
N ALA B 108 -18.70 11.24 11.24
CA ALA B 108 -18.18 11.20 12.58
C ALA B 108 -18.02 9.75 13.04
N TYR B 109 -16.82 9.32 13.29
CA TYR B 109 -16.45 8.00 13.72
C TYR B 109 -16.04 8.00 15.18
N PRO B 110 -16.81 7.27 16.00
CA PRO B 110 -16.50 7.15 17.42
C PRO B 110 -15.10 6.57 17.47
N VAL B 111 -14.28 7.12 18.38
CA VAL B 111 -12.89 6.63 18.48
C VAL B 111 -12.75 5.17 18.93
N ALA B 112 -13.80 4.66 19.59
CA ALA B 112 -13.90 3.28 20.08
C ALA B 112 -13.78 2.25 18.94
N LEU B 113 -14.14 2.65 17.73
CA LEU B 113 -14.05 1.81 16.54
C LEU B 113 -12.64 1.46 16.11
N PHE B 114 -11.66 2.28 16.50
CA PHE B 114 -10.27 2.12 15.99
C PHE B 114 -9.51 1.10 16.71
N ASP B 115 -8.80 0.26 16.00
CA ASP B 115 -7.96 -0.77 16.58
C ASP B 115 -6.73 -0.12 17.27
N ARG B 116 -6.24 -0.84 18.25
CA ARG B 116 -5.07 -0.37 19.02
C ARG B 116 -4.30 -1.60 19.41
N ASN B 117 -3.00 -1.49 19.66
CA ASN B 117 -2.12 -2.56 20.00
C ASN B 117 -2.43 -3.14 21.37
N ILE B 118 -2.23 -4.46 21.40
CA ILE B 118 -2.40 -5.24 22.63
C ILE B 118 -1.07 -5.18 23.35
N THR B 119 -0.02 -4.94 22.54
CA THR B 119 1.31 -4.88 23.16
C THR B 119 1.49 -3.59 23.97
N ASP B 120 1.20 -2.44 23.45
CA ASP B 120 1.44 -1.13 24.10
C ASP B 120 0.32 -0.13 24.09
N GLY B 121 -0.88 -0.53 23.59
CA GLY B 121 -2.01 0.37 23.59
C GLY B 121 -1.98 1.43 22.58
N LYS B 122 -1.03 1.53 21.65
CA LYS B 122 -1.02 2.64 20.67
C LYS B 122 -1.87 2.36 19.46
N ALA B 123 -2.27 3.44 18.83
CA ALA B 123 -3.03 3.47 17.58
C ALA B 123 -2.20 2.93 16.43
N MET B 124 -2.78 2.60 15.34
CA MET B 124 -2.26 2.07 14.08
C MET B 124 -3.01 2.72 12.95
N ILE B 125 -2.24 3.13 11.94
CA ILE B 125 -2.81 3.77 10.76
C ILE B 125 -3.59 2.70 9.95
N ALA B 126 -3.12 1.48 10.07
CA ALA B 126 -3.79 0.33 9.32
C ALA B 126 -5.27 0.39 9.66
N SER B 127 -5.65 0.56 10.89
CA SER B 127 -7.07 0.61 11.26
C SER B 127 -7.79 1.82 10.75
N PHE B 128 -7.12 2.99 10.73
CA PHE B 128 -7.68 4.26 10.25
C PHE B 128 -7.99 4.08 8.79
N LEU B 129 -7.10 3.42 8.06
CA LEU B 129 -7.28 3.22 6.61
C LEU B 129 -8.44 2.23 6.26
N THR B 130 -8.42 1.16 6.99
CA THR B 130 -9.49 0.16 6.74
C THR B 130 -10.91 0.72 6.93
N LEU B 131 -11.10 1.40 8.06
CA LEU B 131 -12.37 1.99 8.47
C LEU B 131 -12.90 3.12 7.63
N THR B 132 -12.08 4.17 7.54
CA THR B 132 -12.43 5.39 6.83
C THR B 132 -12.13 5.31 5.37
N MET B 133 -11.44 4.32 4.93
CA MET B 133 -10.98 4.14 3.57
C MET B 133 -10.87 2.71 3.04
N GLY B 134 -11.17 1.63 3.73
CA GLY B 134 -10.98 0.29 3.17
C GLY B 134 -11.93 -0.08 2.04
N ASN B 135 -12.64 -1.12 2.43
CA ASN B 135 -13.67 -1.79 1.63
C ASN B 135 -14.60 -0.73 1.02
N ASN B 136 -15.23 -0.13 1.99
CA ASN B 136 -16.23 0.93 1.93
C ASN B 136 -16.09 1.77 0.68
N GLN B 137 -15.07 1.44 -0.10
CA GLN B 137 -14.82 2.20 -1.33
C GLN B 137 -15.16 1.45 -2.59
N GLY B 138 -15.31 0.13 -2.53
CA GLY B 138 -15.71 -0.60 -3.77
C GLY B 138 -17.18 -0.94 -3.51
N MET B 139 -18.06 0.04 -3.49
CA MET B 139 -19.49 -0.08 -3.19
C MET B 139 -20.41 -0.34 -4.36
N GLY B 140 -21.63 0.22 -4.30
CA GLY B 140 -22.61 0.00 -5.39
C GLY B 140 -23.41 1.25 -5.72
N ASP B 141 -23.98 1.80 -4.65
CA ASP B 141 -24.79 3.03 -4.85
C ASP B 141 -23.88 4.25 -4.95
N VAL B 142 -22.63 4.00 -4.63
CA VAL B 142 -21.57 5.03 -4.60
C VAL B 142 -20.62 4.88 -5.77
N GLU B 143 -20.52 5.96 -6.52
CA GLU B 143 -19.66 6.01 -7.67
C GLU B 143 -18.19 6.31 -7.50
N TYR B 144 -17.87 7.16 -6.56
CA TYR B 144 -16.54 7.61 -6.14
C TYR B 144 -16.76 8.41 -4.83
N ALA B 145 -15.65 8.24 -4.09
CA ALA B 145 -15.44 8.82 -2.76
C ALA B 145 -13.94 9.04 -2.60
N LYS B 146 -13.63 10.28 -2.27
CA LYS B 146 -12.21 10.62 -2.03
C LYS B 146 -12.19 11.38 -0.70
N MET B 147 -11.33 10.97 0.20
CA MET B 147 -11.18 11.67 1.49
C MET B 147 -10.26 12.91 1.19
N HIS B 148 -10.75 14.04 1.62
CA HIS B 148 -10.03 15.32 1.46
C HIS B 148 -9.44 15.77 2.77
N ASP B 149 -9.90 15.39 3.91
CA ASP B 149 -9.38 15.81 5.22
C ASP B 149 -9.93 14.96 6.37
N PHE B 150 -9.29 14.98 7.50
CA PHE B 150 -9.77 14.23 8.66
C PHE B 150 -9.39 14.98 9.90
N TYR B 151 -10.06 14.85 10.98
CA TYR B 151 -9.77 15.47 12.27
C TYR B 151 -9.54 14.38 13.30
N VAL B 152 -8.45 14.42 14.05
CA VAL B 152 -8.16 13.44 15.09
C VAL B 152 -8.26 14.21 16.41
N PRO B 153 -9.15 13.80 17.29
CA PRO B 153 -9.27 14.49 18.60
C PRO B 153 -8.03 14.17 19.37
N GLU B 154 -7.81 14.84 20.47
CA GLU B 154 -6.65 14.67 21.33
C GLU B 154 -6.37 13.29 21.88
N ALA B 155 -7.43 12.68 22.39
CA ALA B 155 -7.27 11.35 23.01
C ALA B 155 -6.70 10.32 22.04
N TYR B 156 -7.13 10.37 20.82
CA TYR B 156 -6.70 9.45 19.74
C TYR B 156 -5.35 9.87 19.17
N ARG B 157 -5.17 11.17 18.92
CA ARG B 157 -3.89 11.67 18.39
C ARG B 157 -2.80 11.22 19.32
N ALA B 158 -3.00 11.32 20.63
CA ALA B 158 -1.98 10.98 21.60
C ALA B 158 -1.54 9.55 21.57
N LEU B 159 -2.28 8.66 20.89
CA LEU B 159 -1.89 7.24 20.84
C LEU B 159 -1.04 6.92 19.62
N PHE B 160 -0.80 7.89 18.77
CA PHE B 160 0.08 7.71 17.62
C PHE B 160 1.54 8.04 18.06
N ASP B 161 2.40 7.36 17.32
CA ASP B 161 3.86 7.43 17.45
C ASP B 161 4.32 8.90 17.21
N GLY B 162 4.05 9.49 16.12
CA GLY B 162 4.45 10.86 15.72
C GLY B 162 5.96 10.79 15.45
N PRO B 163 6.55 11.85 14.85
CA PRO B 163 8.00 11.83 14.55
C PRO B 163 8.73 11.87 15.84
N SER B 164 9.85 11.18 15.87
CA SER B 164 10.82 11.00 16.91
C SER B 164 11.92 12.11 16.76
N VAL B 165 12.23 12.41 15.55
CA VAL B 165 13.23 13.38 15.07
C VAL B 165 12.75 14.01 13.80
N ASN B 166 13.26 15.20 13.42
CA ASN B 166 12.93 15.93 12.18
C ASN B 166 14.25 16.63 11.73
N ILE B 167 14.14 17.60 10.87
CA ILE B 167 15.33 18.36 10.34
C ILE B 167 16.23 18.88 11.44
N SER B 168 15.68 19.13 12.62
CA SER B 168 16.50 19.66 13.73
C SER B 168 17.59 18.72 14.12
N ALA B 169 17.45 17.43 13.77
CA ALA B 169 18.51 16.42 14.01
C ALA B 169 19.65 16.67 12.98
N LEU B 170 19.36 17.05 11.78
CA LEU B 170 20.24 17.31 10.67
C LEU B 170 20.96 18.64 11.02
N TRP B 171 20.19 19.62 11.41
CA TRP B 171 20.77 20.95 11.81
C TRP B 171 21.89 20.78 12.84
N LYS B 172 21.58 20.07 13.92
CA LYS B 172 22.49 19.74 15.02
C LYS B 172 23.73 19.16 14.40
N VAL B 173 23.62 18.16 13.54
CA VAL B 173 24.79 17.58 12.87
C VAL B 173 25.54 18.66 12.04
N LEU B 174 24.88 19.46 11.27
CA LEU B 174 25.51 20.50 10.48
C LEU B 174 26.10 21.70 11.30
N GLY B 175 25.89 21.80 12.58
CA GLY B 175 26.36 22.87 13.44
C GLY B 175 25.47 24.05 13.23
N ARG B 176 24.21 23.89 12.84
CA ARG B 176 23.24 24.97 12.64
C ARG B 176 22.38 25.08 13.90
N PRO B 177 21.73 26.20 14.11
CA PRO B 177 20.84 26.33 15.27
C PRO B 177 19.71 25.30 15.03
N GLU B 178 19.29 24.76 16.15
CA GLU B 178 18.19 23.73 16.12
C GLU B 178 16.81 24.28 15.93
N VAL B 179 16.70 25.59 15.88
CA VAL B 179 15.47 26.35 15.61
C VAL B 179 15.75 27.22 14.36
N ASP B 180 15.01 27.05 13.30
CA ASP B 180 15.19 27.79 12.04
C ASP B 180 16.60 27.66 11.48
N GLY B 181 17.14 26.49 11.55
CA GLY B 181 18.50 26.16 11.08
C GLY B 181 18.60 26.41 9.60
N GLY B 182 17.55 26.52 8.85
CA GLY B 182 17.44 26.74 7.45
C GLY B 182 17.60 25.59 6.48
N LEU B 183 17.95 25.92 5.26
CA LEU B 183 18.08 25.00 4.15
C LEU B 183 19.17 23.99 4.14
N VAL B 184 18.72 22.74 3.83
CA VAL B 184 19.60 21.55 3.71
C VAL B 184 19.59 21.29 2.19
N VAL B 185 20.80 21.39 1.61
CA VAL B 185 20.98 21.23 0.16
C VAL B 185 21.42 19.83 -0.24
N GLY B 186 20.54 19.11 -1.00
CA GLY B 186 21.02 17.76 -1.37
C GLY B 186 20.68 17.55 -2.84
N THR B 187 20.83 16.29 -3.18
CA THR B 187 20.57 15.72 -4.50
C THR B 187 20.28 14.20 -4.39
N ILE B 188 20.06 13.66 -5.55
CA ILE B 188 19.85 12.22 -5.74
C ILE B 188 20.98 11.73 -6.62
N ILE B 189 21.66 10.65 -6.25
CA ILE B 189 22.69 10.27 -7.26
C ILE B 189 21.95 9.67 -8.47
N LYS B 190 22.41 10.03 -9.64
CA LYS B 190 21.85 9.48 -10.90
C LYS B 190 23.09 8.85 -11.59
N PRO B 191 23.00 7.93 -12.53
CA PRO B 191 21.75 7.43 -13.03
C PRO B 191 21.06 6.73 -11.86
N LYS B 192 19.79 6.52 -12.07
CA LYS B 192 18.89 5.85 -11.14
C LYS B 192 19.61 4.59 -10.68
N LEU B 193 20.07 3.78 -11.62
CA LEU B 193 20.81 2.58 -11.20
C LEU B 193 21.88 2.29 -12.25
N GLY B 194 22.90 1.55 -11.87
CA GLY B 194 23.88 1.19 -12.90
C GLY B 194 25.29 1.35 -12.41
N LEU B 195 25.52 2.32 -11.54
CA LEU B 195 26.86 2.57 -11.02
C LEU B 195 27.34 1.49 -10.08
N ARG B 196 28.59 1.09 -10.28
CA ARG B 196 29.30 0.11 -9.49
C ARG B 196 29.61 0.80 -8.16
N PRO B 197 29.98 0.05 -7.14
CA PRO B 197 30.25 0.55 -5.80
C PRO B 197 31.22 1.76 -5.72
N LYS B 198 32.40 1.60 -6.27
CA LYS B 198 33.44 2.68 -6.25
C LYS B 198 32.97 3.91 -6.98
N PRO B 199 32.60 3.81 -8.23
CA PRO B 199 32.06 4.93 -9.01
C PRO B 199 30.94 5.64 -8.27
N PHE B 200 30.11 4.86 -7.56
CA PHE B 200 28.97 5.38 -6.81
C PHE B 200 29.47 6.26 -5.65
N ALA B 201 30.33 5.73 -4.84
CA ALA B 201 30.94 6.37 -3.67
C ALA B 201 31.69 7.65 -4.09
N GLU B 202 32.33 7.70 -5.22
CA GLU B 202 33.06 8.89 -5.71
C GLU B 202 32.08 9.94 -6.17
N ALA B 203 31.01 9.60 -6.87
CA ALA B 203 30.00 10.52 -7.28
C ALA B 203 29.50 11.17 -5.97
N CYS B 204 29.33 10.40 -4.87
CA CYS B 204 28.90 10.92 -3.61
C CYS B 204 29.89 12.01 -3.09
N HIS B 205 31.12 11.59 -3.11
CA HIS B 205 32.28 12.40 -2.68
C HIS B 205 32.24 13.74 -3.41
N ALA B 206 32.12 13.65 -4.69
CA ALA B 206 32.10 14.82 -5.58
C ALA B 206 31.05 15.80 -5.17
N PHE B 207 29.80 15.42 -5.00
CA PHE B 207 28.70 16.30 -4.62
C PHE B 207 28.88 16.88 -3.23
N TRP B 208 29.37 16.14 -2.27
CA TRP B 208 29.61 16.51 -0.90
C TRP B 208 30.64 17.67 -0.80
N LEU B 209 31.37 17.96 -1.84
CA LEU B 209 32.31 19.09 -1.87
C LEU B 209 31.50 20.39 -1.94
N GLY B 210 30.31 20.34 -2.46
CA GLY B 210 29.40 21.44 -2.58
C GLY B 210 28.09 21.39 -1.79
N GLY B 211 27.52 20.20 -1.61
CA GLY B 211 26.19 20.13 -0.94
C GLY B 211 26.29 19.43 0.37
N ASP B 212 25.15 19.36 1.07
CA ASP B 212 25.11 18.72 2.38
C ASP B 212 24.61 17.25 2.47
N PHE B 213 23.63 16.96 1.69
CA PHE B 213 22.86 15.69 1.75
C PHE B 213 22.65 14.93 0.43
N ILE B 214 22.80 13.62 0.55
CA ILE B 214 22.60 12.83 -0.68
C ILE B 214 21.62 11.66 -0.33
N LYS B 215 20.70 11.41 -1.21
CA LYS B 215 19.82 10.24 -0.87
C LYS B 215 20.05 9.17 -1.94
N ASN B 216 19.89 7.92 -1.55
CA ASN B 216 19.90 6.86 -2.61
C ASN B 216 18.67 7.10 -3.49
N ASP B 217 18.67 6.70 -4.74
CA ASP B 217 17.48 6.77 -5.60
C ASP B 217 16.62 5.59 -4.99
N GLU B 218 15.33 5.73 -5.12
CA GLU B 218 14.33 4.80 -4.57
C GLU B 218 14.66 3.31 -4.73
N PRO B 219 15.04 2.93 -5.93
CA PRO B 219 15.35 1.51 -6.17
C PRO B 219 16.73 1.02 -5.82
N GLN B 220 17.74 1.87 -5.62
CA GLN B 220 19.11 1.44 -5.28
C GLN B 220 19.11 0.69 -3.98
N GLY B 221 19.63 -0.52 -3.91
CA GLY B 221 19.74 -1.33 -2.71
C GLY B 221 20.83 -2.35 -2.88
N ASN B 222 20.46 -3.62 -2.98
CA ASN B 222 21.43 -4.72 -3.10
C ASN B 222 21.47 -5.38 -4.47
N GLN B 223 21.48 -4.67 -5.58
CA GLN B 223 21.54 -5.16 -6.95
C GLN B 223 22.86 -5.90 -7.04
N PRO B 224 22.90 -6.99 -7.85
CA PRO B 224 24.13 -7.79 -7.95
C PRO B 224 25.38 -7.07 -8.46
N PHE B 225 25.25 -6.05 -9.24
CA PHE B 225 26.34 -5.26 -9.82
C PHE B 225 26.77 -4.14 -8.87
N ALA B 226 26.08 -3.97 -7.76
CA ALA B 226 26.37 -2.94 -6.77
C ALA B 226 25.81 -3.34 -5.42
N PRO B 227 26.41 -4.36 -4.88
CA PRO B 227 26.00 -4.94 -3.59
C PRO B 227 25.95 -3.94 -2.45
N LEU B 228 24.87 -3.92 -1.72
CA LEU B 228 24.65 -3.02 -0.61
C LEU B 228 25.80 -3.00 0.37
N ARG B 229 26.34 -4.09 0.75
CA ARG B 229 27.42 -4.12 1.75
C ARG B 229 28.69 -3.40 1.23
N ASP B 230 28.97 -3.61 -0.01
CA ASP B 230 30.16 -3.03 -0.64
C ASP B 230 29.95 -1.53 -0.86
N THR B 231 28.85 -1.17 -1.45
CA THR B 231 28.46 0.20 -1.74
C THR B 231 28.50 1.08 -0.51
N ILE B 232 27.80 0.72 0.54
CA ILE B 232 27.72 1.40 1.82
C ILE B 232 29.09 1.59 2.47
N ALA B 233 29.96 0.61 2.42
CA ALA B 233 31.29 0.72 2.99
C ALA B 233 32.04 1.84 2.22
N LEU B 234 31.97 1.89 0.94
CA LEU B 234 32.63 2.86 0.11
C LEU B 234 32.01 4.23 0.36
N VAL B 235 30.69 4.30 0.52
CA VAL B 235 30.02 5.59 0.77
C VAL B 235 30.41 6.18 2.12
N ALA B 236 30.59 5.42 3.14
CA ALA B 236 30.92 5.82 4.48
C ALA B 236 32.35 6.45 4.42
N ASP B 237 33.19 5.88 3.60
CA ASP B 237 34.57 6.36 3.44
C ASP B 237 34.56 7.67 2.65
N ALA B 238 33.74 7.86 1.65
CA ALA B 238 33.60 9.02 0.85
C ALA B 238 33.08 10.16 1.74
N MET B 239 32.36 9.77 2.76
CA MET B 239 31.78 10.72 3.73
C MET B 239 32.93 11.22 4.64
N ARG B 240 33.78 10.38 5.13
CA ARG B 240 34.94 10.68 5.97
C ARG B 240 35.88 11.63 5.19
N ARG B 241 36.18 11.32 3.95
CA ARG B 241 37.04 12.13 3.07
C ARG B 241 36.43 13.49 2.77
N ALA B 242 35.19 13.56 2.31
CA ALA B 242 34.47 14.77 2.00
C ALA B 242 34.51 15.67 3.24
N GLN B 243 34.29 15.13 4.41
CA GLN B 243 34.23 15.83 5.68
C GLN B 243 35.60 16.39 6.06
N ASP B 244 36.63 15.61 5.89
CA ASP B 244 38.01 16.03 6.25
C ASP B 244 38.45 17.15 5.29
N GLU B 245 38.06 17.08 4.01
CA GLU B 245 38.46 18.04 3.01
C GLU B 245 37.78 19.39 2.97
N THR B 246 36.58 19.37 3.51
CA THR B 246 35.70 20.53 3.52
C THR B 246 35.59 21.24 4.85
N GLY B 247 35.91 20.50 5.86
CA GLY B 247 35.77 20.92 7.24
C GLY B 247 34.29 21.03 7.61
N GLU B 248 33.39 20.36 6.87
CA GLU B 248 31.94 20.43 7.14
C GLU B 248 31.28 19.07 7.32
N ALA B 249 30.23 18.96 8.09
CA ALA B 249 29.55 17.63 8.24
C ALA B 249 28.68 17.40 7.01
N LYS B 250 28.67 16.10 6.64
CA LYS B 250 27.92 15.61 5.46
C LYS B 250 26.81 14.59 5.88
N LEU B 251 25.75 14.54 5.11
CA LEU B 251 24.64 13.57 5.44
C LEU B 251 24.33 12.60 4.30
N PHE B 252 23.92 11.38 4.64
CA PHE B 252 23.53 10.39 3.60
C PHE B 252 22.14 9.77 3.97
N SER B 253 21.30 9.67 3.00
CA SER B 253 19.96 9.01 3.25
C SER B 253 20.01 7.64 2.51
N ALA B 254 20.15 6.56 3.22
CA ALA B 254 20.28 5.19 2.71
C ALA B 254 18.95 4.39 2.72
N ASN B 255 18.64 3.87 1.54
CA ASN B 255 17.42 3.03 1.29
C ASN B 255 17.58 1.70 2.01
N ILE B 256 16.65 1.51 2.94
CA ILE B 256 16.61 0.30 3.76
C ILE B 256 15.30 -0.51 3.46
N THR B 257 14.59 -0.06 2.49
CA THR B 257 13.28 -0.70 2.12
C THR B 257 13.46 -2.20 1.79
N ALA B 258 12.51 -2.96 2.32
CA ALA B 258 12.45 -4.40 2.05
C ALA B 258 11.03 -4.89 2.40
N ASP B 259 10.76 -6.17 1.99
CA ASP B 259 9.44 -6.73 2.39
C ASP B 259 9.51 -7.25 3.80
N ASP B 260 10.60 -7.91 4.16
CA ASP B 260 10.80 -8.50 5.46
C ASP B 260 11.30 -7.48 6.48
N PRO B 261 10.57 -7.22 7.51
CA PRO B 261 11.01 -6.29 8.57
C PRO B 261 12.38 -6.63 9.10
N PHE B 262 12.74 -7.90 9.15
CA PHE B 262 14.00 -8.38 9.65
C PHE B 262 15.09 -8.02 8.66
N GLU B 263 14.78 -7.86 7.43
CA GLU B 263 15.74 -7.45 6.37
C GLU B 263 15.91 -5.90 6.52
N ILE B 264 14.83 -5.20 6.80
CA ILE B 264 14.78 -3.72 7.00
C ILE B 264 15.73 -3.42 8.14
N ILE B 265 15.56 -4.09 9.22
CA ILE B 265 16.36 -3.95 10.43
C ILE B 265 17.82 -4.28 10.13
N ALA B 266 18.03 -5.33 9.36
CA ALA B 266 19.39 -5.77 9.04
C ALA B 266 20.08 -4.66 8.19
N ARG B 267 19.40 -4.11 7.24
CA ARG B 267 19.91 -3.05 6.37
C ARG B 267 20.27 -1.83 7.23
N GLY B 268 19.35 -1.41 8.06
CA GLY B 268 19.54 -0.29 8.96
C GLY B 268 20.76 -0.49 9.88
N GLU B 269 20.87 -1.61 10.56
CA GLU B 269 21.92 -1.93 11.46
C GLU B 269 23.27 -1.97 10.74
N TYR B 270 23.23 -2.45 9.53
CA TYR B 270 24.50 -2.58 8.77
C TYR B 270 24.96 -1.16 8.40
N VAL B 271 24.03 -0.33 8.00
CA VAL B 271 24.33 1.06 7.61
C VAL B 271 24.86 1.83 8.84
N LEU B 272 24.17 1.83 9.97
CA LEU B 272 24.60 2.57 11.16
C LEU B 272 25.99 2.16 11.64
N GLU B 273 26.13 0.85 11.62
CA GLU B 273 27.38 0.23 12.02
C GLU B 273 28.56 0.67 11.17
N THR B 274 28.36 0.57 9.88
CA THR B 274 29.38 0.89 8.90
C THR B 274 29.69 2.38 8.95
N PHE B 275 28.73 3.22 9.24
CA PHE B 275 29.03 4.67 9.26
C PHE B 275 29.83 5.04 10.50
N GLY B 276 29.84 4.12 11.40
CA GLY B 276 30.61 4.23 12.65
C GLY B 276 30.32 5.58 13.33
N GLU B 277 31.35 6.38 13.47
CA GLU B 277 31.25 7.69 14.13
C GLU B 277 30.32 8.64 13.44
N ASN B 278 29.99 8.38 12.19
CA ASN B 278 29.11 9.17 11.35
C ASN B 278 27.66 8.64 11.33
N ALA B 279 27.36 7.74 12.25
CA ALA B 279 25.98 7.15 12.32
C ALA B 279 24.87 8.14 12.44
N SER B 280 25.16 9.24 13.18
CA SER B 280 24.21 10.36 13.38
C SER B 280 24.05 11.13 12.11
N HIS B 281 24.92 10.86 11.13
CA HIS B 281 24.78 11.63 9.88
C HIS B 281 23.95 10.82 8.90
N VAL B 282 23.45 9.65 9.30
CA VAL B 282 22.64 8.87 8.30
C VAL B 282 21.09 9.03 8.48
N ALA B 283 20.42 9.22 7.40
CA ALA B 283 18.93 9.26 7.38
C ALA B 283 18.54 7.81 6.80
N LEU B 284 17.47 7.24 7.21
CA LEU B 284 17.02 5.91 6.75
C LEU B 284 15.88 6.17 5.81
N LEU B 285 16.04 5.85 4.57
CA LEU B 285 15.03 6.05 3.53
C LEU B 285 14.15 4.75 3.43
N VAL B 286 12.86 5.00 3.49
CA VAL B 286 11.88 3.87 3.44
C VAL B 286 10.76 4.27 2.53
N ASP B 287 10.50 3.51 1.47
CA ASP B 287 9.37 3.90 0.58
C ASP B 287 8.15 3.29 1.28
N GLY B 288 7.41 4.07 2.01
CA GLY B 288 6.24 3.58 2.78
C GLY B 288 5.04 3.29 1.88
N TYR B 289 5.20 3.69 0.64
CA TYR B 289 4.11 3.45 -0.30
C TYR B 289 4.22 2.02 -0.83
N VAL B 290 5.26 1.59 -1.49
CA VAL B 290 5.43 0.27 -2.02
C VAL B 290 5.54 -0.79 -0.94
N ALA B 291 6.11 -0.51 0.20
CA ALA B 291 6.31 -1.47 1.27
C ALA B 291 5.30 -1.38 2.40
N GLY B 292 4.61 -0.25 2.40
CA GLY B 292 3.57 0.04 3.37
C GLY B 292 3.87 0.47 4.76
N ALA B 293 2.75 0.69 5.47
CA ALA B 293 2.77 1.16 6.85
C ALA B 293 3.67 0.42 7.75
N ALA B 294 3.70 -0.96 7.72
CA ALA B 294 4.55 -1.72 8.60
C ALA B 294 6.05 -1.47 8.31
N ALA B 295 6.43 -1.16 7.11
CA ALA B 295 7.88 -0.89 6.81
C ALA B 295 8.25 0.43 7.56
N ILE B 296 7.35 1.39 7.43
CA ILE B 296 7.58 2.72 8.11
C ILE B 296 7.67 2.47 9.59
N THR B 297 6.71 1.77 10.24
CA THR B 297 6.75 1.54 11.65
C THR B 297 7.93 0.73 12.04
N THR B 298 8.43 -0.16 11.18
CA THR B 298 9.61 -0.93 11.54
C THR B 298 10.81 0.04 11.85
N ALA B 299 11.04 0.87 10.89
CA ALA B 299 12.16 1.91 10.95
C ALA B 299 11.89 2.87 12.09
N ARG B 300 10.69 3.43 12.20
CA ARG B 300 10.34 4.38 13.27
C ARG B 300 10.65 3.87 14.63
N ARG B 301 10.24 2.61 14.95
CA ARG B 301 10.43 2.01 16.26
C ARG B 301 11.76 1.38 16.44
N ARG B 302 12.42 0.84 15.46
CA ARG B 302 13.75 0.23 15.64
C ARG B 302 14.90 1.27 15.66
N PHE B 303 14.80 2.35 14.98
CA PHE B 303 15.87 3.44 14.90
C PHE B 303 15.21 4.80 15.15
N PRO B 304 14.72 5.07 16.35
CA PRO B 304 14.04 6.33 16.65
C PRO B 304 14.94 7.60 16.66
N ASP B 305 16.25 7.36 16.77
CA ASP B 305 17.33 8.37 16.82
C ASP B 305 17.83 8.80 15.49
N ASN B 306 17.43 8.13 14.40
CA ASN B 306 17.85 8.53 13.04
C ASN B 306 16.69 9.10 12.28
N PHE B 307 16.82 10.02 11.39
CA PHE B 307 15.84 10.68 10.61
C PHE B 307 15.27 9.60 9.64
N LEU B 308 13.96 9.48 9.74
CA LEU B 308 13.17 8.53 8.90
C LEU B 308 12.67 9.31 7.73
N HIS B 309 13.29 9.05 6.59
CA HIS B 309 12.99 9.73 5.35
C HIS B 309 11.88 8.95 4.64
N TYR B 310 10.69 9.50 4.61
CA TYR B 310 9.57 8.81 3.95
C TYR B 310 9.41 9.24 2.51
N HIS B 311 9.81 8.33 1.64
CA HIS B 311 9.74 8.46 0.19
C HIS B 311 8.34 8.00 -0.28
N ARG B 312 7.69 8.73 -1.14
CA ARG B 312 6.35 8.34 -1.59
C ARG B 312 6.28 7.57 -2.91
N ALA B 313 7.40 7.03 -3.39
CA ALA B 313 7.37 6.36 -4.70
C ALA B 313 6.01 5.66 -4.87
N GLY B 314 5.39 5.94 -6.00
CA GLY B 314 4.11 5.35 -6.35
C GLY B 314 2.79 5.88 -5.86
N HIS B 315 2.83 6.68 -4.78
CA HIS B 315 1.57 7.19 -4.21
C HIS B 315 0.68 7.75 -5.30
N GLY B 316 1.32 8.46 -6.23
CA GLY B 316 0.66 9.12 -7.37
C GLY B 316 -0.48 8.31 -8.00
N ALA B 317 -0.49 7.03 -7.68
CA ALA B 317 -1.54 6.17 -8.23
C ALA B 317 -2.87 6.57 -7.58
N VAL B 318 -2.88 6.88 -6.30
CA VAL B 318 -4.15 7.23 -5.66
C VAL B 318 -4.37 8.70 -5.37
N THR B 319 -3.38 9.33 -4.76
CA THR B 319 -3.49 10.73 -4.36
C THR B 319 -3.56 11.70 -5.53
N SER B 320 -3.14 11.30 -6.70
CA SER B 320 -3.17 12.23 -7.85
C SER B 320 -4.61 12.71 -8.06
N PRO B 321 -4.71 13.91 -8.60
CA PRO B 321 -5.99 14.53 -8.86
C PRO B 321 -6.70 14.14 -10.14
N GLN B 322 -6.58 12.96 -10.64
CA GLN B 322 -7.24 12.44 -11.83
C GLN B 322 -8.10 11.25 -11.36
N SER B 323 -7.59 10.74 -10.25
CA SER B 323 -8.18 9.61 -9.51
C SER B 323 -9.30 10.24 -8.69
N LYS B 324 -10.51 9.73 -8.86
CA LYS B 324 -11.55 10.37 -8.01
C LYS B 324 -11.79 9.46 -6.83
N ARG B 325 -10.86 8.60 -6.52
CA ARG B 325 -10.87 7.61 -5.45
C ARG B 325 -9.66 7.72 -4.56
N GLY B 326 -9.73 7.12 -3.38
CA GLY B 326 -8.65 7.09 -2.38
C GLY B 326 -8.64 8.33 -1.48
N TYR B 327 -7.50 9.03 -1.52
CA TYR B 327 -7.33 10.25 -0.70
C TYR B 327 -6.33 11.19 -1.35
N THR B 328 -6.35 12.45 -0.86
CA THR B 328 -5.38 13.40 -1.52
C THR B 328 -4.00 13.30 -0.91
N ALA B 329 -3.07 14.02 -1.57
CA ALA B 329 -1.67 14.15 -1.11
C ALA B 329 -1.72 14.85 0.27
N PHE B 330 -2.56 15.81 0.45
CA PHE B 330 -2.71 16.45 1.76
C PHE B 330 -2.91 15.36 2.82
N VAL B 331 -3.92 14.46 2.60
CA VAL B 331 -4.22 13.39 3.57
C VAL B 331 -3.09 12.43 3.77
N HIS B 332 -2.45 12.07 2.68
CA HIS B 332 -1.29 11.17 2.73
C HIS B 332 -0.22 11.72 3.66
N CYS B 333 0.12 12.99 3.51
CA CYS B 333 1.18 13.69 4.32
C CYS B 333 0.68 13.85 5.74
N LYS B 334 -0.57 14.24 5.91
CA LYS B 334 -1.11 14.34 7.28
C LYS B 334 -0.92 13.04 8.02
N MET B 335 -1.29 11.85 7.46
CA MET B 335 -1.05 10.57 8.11
C MET B 335 0.43 10.29 8.43
N ALA B 336 1.30 10.66 7.48
CA ALA B 336 2.75 10.48 7.61
C ALA B 336 3.28 11.11 8.89
N ARG B 337 2.70 12.22 9.32
CA ARG B 337 3.16 12.84 10.59
C ARG B 337 2.79 11.99 11.76
N LEU B 338 1.54 11.46 11.74
CA LEU B 338 1.07 10.54 12.81
C LEU B 338 1.87 9.25 12.87
N GLN B 339 2.17 8.66 11.73
CA GLN B 339 3.00 7.41 11.65
C GLN B 339 4.44 7.53 12.20
N GLY B 340 4.92 8.81 12.10
CA GLY B 340 6.26 9.15 12.58
C GLY B 340 7.29 9.40 11.49
N ALA B 341 6.98 9.75 10.30
CA ALA B 341 8.07 10.02 9.30
C ALA B 341 8.78 11.31 9.80
N SER B 342 10.08 11.36 9.65
CA SER B 342 10.88 12.57 10.09
C SER B 342 10.74 13.67 9.07
N GLY B 343 10.71 13.25 7.80
CA GLY B 343 10.59 14.05 6.61
C GLY B 343 9.80 13.32 5.53
N ILE B 344 9.14 13.96 4.64
CA ILE B 344 8.39 13.36 3.59
C ILE B 344 8.50 14.24 2.36
N HIS B 345 8.66 13.58 1.24
CA HIS B 345 8.71 14.24 -0.07
C HIS B 345 7.40 14.91 -0.27
N THR B 346 7.29 16.20 -0.44
CA THR B 346 6.05 16.90 -0.61
C THR B 346 5.99 17.50 -2.03
N GLY B 347 7.09 17.24 -2.72
CA GLY B 347 7.24 17.75 -4.10
C GLY B 347 7.54 19.25 -4.10
N ASP B 360 -0.57 23.45 -0.35
CA ASP B 360 0.86 23.23 -0.57
C ASP B 360 1.60 23.78 0.66
N ARG B 361 1.47 25.13 0.75
CA ARG B 361 2.08 25.76 1.93
C ARG B 361 1.12 25.30 3.07
N ALA B 362 0.02 24.69 2.60
CA ALA B 362 -1.04 24.16 3.47
C ALA B 362 -0.52 22.78 3.94
N ILE B 363 -0.02 21.99 3.01
CA ILE B 363 0.55 20.71 3.45
C ILE B 363 1.74 21.05 4.35
N ALA B 364 2.50 22.07 3.90
CA ALA B 364 3.71 22.54 4.65
C ALA B 364 3.31 22.96 6.05
N TYR B 365 2.26 23.70 6.23
CA TYR B 365 1.83 24.15 7.56
C TYR B 365 1.34 22.99 8.38
N MET B 366 0.55 22.12 7.77
CA MET B 366 -0.03 20.93 8.50
C MET B 366 1.05 20.04 9.01
N LEU B 367 2.13 19.90 8.24
CA LEU B 367 3.28 19.10 8.59
C LEU B 367 4.17 19.69 9.68
N THR B 368 4.22 21.04 9.70
CA THR B 368 5.18 21.70 10.65
C THR B 368 4.66 22.49 11.79
N GLN B 369 3.52 23.05 11.75
CA GLN B 369 2.94 23.88 12.83
C GLN B 369 2.31 23.03 13.92
N ASP B 370 2.00 23.62 15.06
CA ASP B 370 1.41 22.90 16.17
C ASP B 370 -0.13 22.98 16.02
N GLU B 371 -0.49 23.93 15.18
CA GLU B 371 -1.91 24.15 14.89
C GLU B 371 -1.98 24.53 13.44
N ALA B 372 -2.67 23.86 12.55
CA ALA B 372 -2.73 24.22 11.14
C ALA B 372 -4.17 24.09 10.63
N GLN B 373 -4.50 24.68 9.54
CA GLN B 373 -5.84 24.62 8.96
C GLN B 373 -5.81 23.70 7.76
N GLY B 374 -6.72 22.73 7.70
CA GLY B 374 -6.67 21.90 6.47
C GLY B 374 -7.86 22.37 5.66
N PRO B 375 -8.10 21.72 4.55
CA PRO B 375 -9.23 22.05 3.70
C PRO B 375 -10.53 22.10 4.46
N PHE B 376 -10.80 21.28 5.45
CA PHE B 376 -12.06 21.30 6.21
C PHE B 376 -11.82 21.42 7.70
N TYR B 377 -10.76 20.88 8.28
CA TYR B 377 -10.53 20.89 9.69
C TYR B 377 -9.20 21.52 10.12
N ARG B 378 -9.40 22.15 11.25
CA ARG B 378 -8.30 22.84 11.94
C ARG B 378 -7.81 21.76 12.87
N GLN B 379 -6.52 21.48 12.80
CA GLN B 379 -5.94 20.47 13.66
C GLN B 379 -4.91 20.97 14.66
N SER B 380 -4.92 20.55 15.89
CA SER B 380 -3.94 20.82 16.90
C SER B 380 -3.11 19.51 16.94
N TRP B 381 -1.83 19.69 17.18
CA TRP B 381 -0.89 18.57 17.25
C TRP B 381 -0.37 18.30 18.62
N GLY B 382 -0.76 19.05 19.62
CA GLY B 382 -0.36 18.84 20.98
C GLY B 382 1.07 18.64 21.37
N GLY B 383 1.95 19.36 20.60
CA GLY B 383 3.34 19.20 20.95
C GLY B 383 3.96 18.13 20.11
N MET B 384 3.15 17.41 19.28
CA MET B 384 3.72 16.33 18.44
C MET B 384 4.71 17.01 17.46
N LYS B 385 5.86 16.40 17.40
CA LYS B 385 6.95 16.96 16.53
C LYS B 385 6.65 17.16 15.10
N ALA B 386 7.22 18.16 14.43
CA ALA B 386 7.02 18.50 13.06
C ALA B 386 7.64 17.37 12.15
N CYS B 387 7.09 17.29 10.98
CA CYS B 387 7.56 16.30 10.00
C CYS B 387 8.06 17.29 8.94
N THR B 388 9.30 17.16 8.54
CA THR B 388 9.82 18.14 7.56
C THR B 388 9.55 17.93 6.11
N PRO B 389 9.15 18.91 5.36
CA PRO B 389 8.95 18.85 3.92
C PRO B 389 10.31 18.74 3.22
N ILE B 390 10.37 17.82 2.25
CA ILE B 390 11.49 17.50 1.37
C ILE B 390 10.91 17.91 0.03
N ILE B 391 11.52 18.87 -0.60
CA ILE B 391 11.20 19.49 -1.88
C ILE B 391 12.16 18.94 -2.93
N SER B 392 11.67 18.83 -4.16
CA SER B 392 12.53 18.28 -5.24
C SER B 392 12.22 19.13 -6.44
N GLY B 393 12.78 18.74 -7.57
CA GLY B 393 12.51 19.57 -8.77
C GLY B 393 13.72 20.46 -9.11
N GLY B 394 13.36 21.35 -10.03
CA GLY B 394 14.26 22.31 -10.64
C GLY B 394 14.30 23.70 -10.03
N MET B 395 14.36 23.70 -8.73
CA MET B 395 14.47 24.93 -7.94
C MET B 395 15.93 25.38 -8.09
N ASN B 396 16.21 26.46 -8.75
CA ASN B 396 17.60 26.93 -8.88
C ASN B 396 17.72 28.07 -7.85
N ALA B 397 18.93 28.64 -7.78
CA ALA B 397 19.24 29.70 -6.80
C ALA B 397 18.39 30.94 -6.93
N LEU B 398 17.95 31.17 -8.15
CA LEU B 398 17.15 32.33 -8.51
C LEU B 398 15.72 32.27 -7.99
N ARG B 399 15.16 31.11 -7.93
CA ARG B 399 13.77 30.94 -7.47
C ARG B 399 13.64 30.72 -5.97
N MET B 400 14.74 30.33 -5.37
CA MET B 400 14.86 30.05 -3.95
C MET B 400 14.21 31.12 -3.10
N PRO B 401 14.64 32.37 -3.18
CA PRO B 401 14.12 33.47 -2.37
C PRO B 401 12.62 33.69 -2.37
N GLY B 402 12.01 33.66 -3.55
CA GLY B 402 10.57 33.83 -3.72
C GLY B 402 9.81 32.69 -2.99
N PHE B 403 10.41 31.52 -3.13
CA PHE B 403 9.88 30.31 -2.50
C PHE B 403 9.94 30.44 -0.99
N PHE B 404 11.03 30.91 -0.41
CA PHE B 404 11.24 31.08 1.02
C PHE B 404 10.23 32.12 1.53
N GLU B 405 10.09 33.15 0.70
CA GLU B 405 9.17 34.26 1.00
C GLU B 405 7.74 33.72 1.12
N ASN B 406 7.29 32.91 0.20
CA ASN B 406 5.96 32.31 0.26
C ASN B 406 5.80 31.37 1.45
N LEU B 407 6.62 30.36 1.54
CA LEU B 407 6.63 29.36 2.59
C LEU B 407 6.72 30.12 3.89
N GLY B 408 7.63 31.10 3.97
CA GLY B 408 7.77 31.87 5.20
C GLY B 408 8.93 31.39 6.03
N ASN B 409 9.73 30.43 5.54
CA ASN B 409 10.90 29.93 6.29
C ASN B 409 11.73 29.19 5.24
N ALA B 410 12.87 28.68 5.59
CA ALA B 410 13.68 27.93 4.63
C ALA B 410 13.98 26.58 5.25
N ASN B 411 13.13 26.16 6.18
CA ASN B 411 13.33 24.93 6.94
C ASN B 411 12.92 23.62 6.20
N VAL B 412 13.60 23.41 5.11
CA VAL B 412 13.34 22.24 4.27
C VAL B 412 14.62 21.58 3.81
N ILE B 413 14.45 20.40 3.21
CA ILE B 413 15.54 19.61 2.60
C ILE B 413 15.22 19.72 1.11
N LEU B 414 16.18 20.11 0.32
CA LEU B 414 15.96 20.25 -1.12
C LEU B 414 16.78 19.14 -1.76
N THR B 415 16.15 18.29 -2.56
CA THR B 415 16.85 17.19 -3.24
C THR B 415 16.66 17.71 -4.68
N ALA B 416 17.69 18.42 -5.04
CA ALA B 416 17.89 19.15 -6.27
C ALA B 416 18.49 18.35 -7.40
N GLY B 417 17.91 18.66 -8.53
CA GLY B 417 18.31 17.98 -9.79
C GLY B 417 19.09 18.99 -10.62
N GLY B 418 18.30 19.74 -11.36
CA GLY B 418 18.81 20.78 -12.27
C GLY B 418 18.51 22.19 -11.78
N GLY B 419 19.07 22.50 -10.66
CA GLY B 419 18.99 23.77 -9.92
C GLY B 419 20.50 23.84 -9.53
N ALA B 420 21.03 22.65 -9.52
CA ALA B 420 22.40 22.27 -9.20
C ALA B 420 23.20 21.73 -10.38
N PHE B 421 22.71 20.67 -10.99
CA PHE B 421 23.26 19.94 -12.14
C PHE B 421 23.25 20.84 -13.38
N GLY B 422 22.30 21.73 -13.50
CA GLY B 422 22.09 22.71 -14.52
C GLY B 422 22.89 24.02 -14.45
N HIS B 423 23.77 24.20 -13.46
CA HIS B 423 24.60 25.45 -13.33
C HIS B 423 25.72 25.32 -14.35
N ILE B 424 26.12 26.40 -14.96
CA ILE B 424 27.17 26.47 -15.97
C ILE B 424 28.49 25.91 -15.48
N ASP B 425 28.75 26.00 -14.19
CA ASP B 425 30.01 25.54 -13.59
C ASP B 425 30.00 24.12 -13.06
N GLY B 426 28.88 23.47 -13.23
CA GLY B 426 28.71 22.07 -12.77
C GLY B 426 27.89 22.03 -11.49
N PRO B 427 27.61 20.86 -10.98
CA PRO B 427 26.83 20.66 -9.77
C PRO B 427 27.37 21.20 -8.45
N VAL B 428 28.67 21.23 -8.22
CA VAL B 428 29.25 21.73 -6.97
C VAL B 428 28.98 23.24 -6.86
N ALA B 429 29.15 23.90 -7.99
CA ALA B 429 28.90 25.33 -8.09
C ALA B 429 27.40 25.49 -7.92
N GLY B 430 26.65 24.63 -8.55
CA GLY B 430 25.18 24.71 -8.43
C GLY B 430 24.78 24.61 -6.96
N ALA B 431 25.28 23.65 -6.25
CA ALA B 431 25.02 23.39 -4.84
C ALA B 431 25.35 24.66 -4.01
N ARG B 432 26.56 25.21 -4.28
CA ARG B 432 27.02 26.41 -3.53
C ARG B 432 26.14 27.63 -3.78
N SER B 433 25.62 27.77 -4.98
CA SER B 433 24.78 28.90 -5.32
C SER B 433 23.44 28.82 -4.58
N LEU B 434 23.05 27.61 -4.26
CA LEU B 434 21.75 27.39 -3.57
C LEU B 434 21.97 27.80 -2.11
N ARG B 435 23.10 27.37 -1.59
CA ARG B 435 23.45 27.76 -0.20
C ARG B 435 23.56 29.31 -0.13
N GLN B 436 24.23 29.91 -1.09
CA GLN B 436 24.39 31.42 -1.15
C GLN B 436 23.09 32.15 -1.21
N ALA B 437 22.17 31.73 -2.06
CA ALA B 437 20.81 32.26 -2.20
C ALA B 437 20.09 32.11 -0.87
N TRP B 438 20.21 31.09 -0.04
CA TRP B 438 19.58 30.95 1.25
C TRP B 438 20.19 31.96 2.30
N GLN B 439 21.53 32.06 2.29
CA GLN B 439 22.30 32.97 3.18
C GLN B 439 21.84 34.39 2.88
N ALA B 440 21.76 34.77 1.64
CA ALA B 440 21.28 36.08 1.22
C ALA B 440 19.88 36.31 1.78
N TRP B 441 18.96 35.38 1.58
CA TRP B 441 17.57 35.52 2.09
C TRP B 441 17.58 35.53 3.62
N ARG B 442 18.28 34.66 4.29
CA ARG B 442 18.37 34.56 5.73
C ARG B 442 18.78 35.94 6.32
N ASP B 443 19.88 36.48 5.83
CA ASP B 443 20.54 37.72 6.21
C ASP B 443 19.81 39.01 5.90
N GLY B 444 18.91 38.97 4.96
CA GLY B 444 18.11 40.14 4.56
C GLY B 444 18.92 40.93 3.55
N VAL B 445 19.80 40.32 2.82
CA VAL B 445 20.66 40.94 1.81
C VAL B 445 20.09 40.64 0.43
N PRO B 446 19.98 41.66 -0.36
CA PRO B 446 19.46 41.48 -1.74
C PRO B 446 20.46 40.60 -2.49
N VAL B 447 19.95 39.64 -3.24
CA VAL B 447 20.66 38.64 -3.99
C VAL B 447 21.56 39.28 -5.02
N LEU B 448 21.21 40.44 -5.60
CA LEU B 448 22.19 41.02 -6.59
C LEU B 448 23.45 41.51 -5.85
N ASP B 449 23.20 42.02 -4.68
CA ASP B 449 24.18 42.56 -3.74
C ASP B 449 25.05 41.38 -3.33
N TYR B 450 24.34 40.31 -2.98
CA TYR B 450 25.03 39.06 -2.58
C TYR B 450 25.83 38.42 -3.74
N ALA B 451 25.15 38.35 -4.87
CA ALA B 451 25.70 37.78 -6.09
C ALA B 451 26.97 38.51 -6.53
N ARG B 452 27.06 39.80 -6.15
CA ARG B 452 28.27 40.59 -6.51
C ARG B 452 29.51 40.09 -5.81
N GLU B 453 29.41 39.66 -4.59
CA GLU B 453 30.44 39.13 -3.70
C GLU B 453 30.58 37.60 -3.76
N HIS B 454 29.63 36.92 -4.37
CA HIS B 454 29.57 35.42 -4.48
C HIS B 454 29.45 34.95 -5.92
N LYS B 455 30.55 34.41 -6.40
CA LYS B 455 30.59 34.04 -7.82
C LYS B 455 29.65 32.96 -8.29
N GLU B 456 29.44 31.93 -7.48
CA GLU B 456 28.50 30.80 -7.81
C GLU B 456 27.09 31.31 -8.10
N LEU B 457 26.62 32.08 -7.11
CA LEU B 457 25.32 32.75 -7.21
C LEU B 457 25.30 33.65 -8.45
N ALA B 458 26.36 34.48 -8.60
CA ALA B 458 26.42 35.40 -9.76
C ALA B 458 26.38 34.59 -11.05
N ARG B 459 27.10 33.50 -11.01
CA ARG B 459 27.15 32.64 -12.23
C ARG B 459 25.85 31.86 -12.42
N ALA B 460 25.03 31.88 -11.37
CA ALA B 460 23.73 31.18 -11.50
C ALA B 460 22.81 31.96 -12.44
N PHE B 461 22.92 33.27 -12.49
CA PHE B 461 22.12 34.15 -13.33
C PHE B 461 22.40 33.84 -14.80
N GLU B 462 23.67 33.63 -15.08
CA GLU B 462 24.10 33.29 -16.46
C GLU B 462 23.57 31.90 -16.81
N SER B 463 23.51 31.05 -15.81
CA SER B 463 23.06 29.66 -15.99
C SER B 463 21.56 29.59 -16.25
N PHE B 464 20.80 30.48 -15.66
CA PHE B 464 19.32 30.51 -15.85
C PHE B 464 18.87 31.94 -16.16
N PRO B 465 19.17 32.36 -17.40
CA PRO B 465 18.81 33.70 -17.88
C PRO B 465 17.30 33.95 -18.03
N GLY B 466 16.50 32.94 -18.38
CA GLY B 466 15.03 33.13 -18.52
C GLY B 466 14.42 33.55 -17.17
N ASP B 467 14.94 32.83 -16.16
CA ASP B 467 14.65 32.96 -14.72
C ASP B 467 15.23 34.31 -14.31
N ALA B 468 16.47 34.55 -14.70
CA ALA B 468 17.04 35.87 -14.34
C ALA B 468 16.23 36.98 -15.00
N ASP B 469 16.06 36.90 -16.33
CA ASP B 469 15.33 37.92 -17.10
C ASP B 469 14.02 38.31 -16.39
N GLN B 470 13.27 37.23 -16.17
CA GLN B 470 11.93 37.27 -15.53
C GLN B 470 11.90 37.52 -14.05
N ILE B 471 12.92 37.24 -13.23
CA ILE B 471 12.89 37.51 -11.80
C ILE B 471 13.72 38.73 -11.40
N TYR B 472 14.84 38.94 -12.05
CA TYR B 472 15.75 40.05 -11.75
C TYR B 472 16.09 40.84 -13.03
N PRO B 473 15.12 41.61 -13.49
CA PRO B 473 15.30 42.44 -14.69
C PRO B 473 16.30 43.53 -14.28
N GLY B 474 17.37 43.62 -15.05
CA GLY B 474 18.45 44.60 -14.79
C GLY B 474 19.73 44.00 -14.22
N TRP B 475 19.73 42.70 -14.07
CA TRP B 475 20.72 41.76 -13.59
C TRP B 475 22.06 41.80 -14.34
N ARG B 476 21.92 41.85 -15.66
CA ARG B 476 23.06 41.91 -16.59
C ARG B 476 23.97 43.11 -16.35
N LYS B 477 23.36 44.26 -16.32
CA LYS B 477 24.14 45.49 -16.06
C LYS B 477 24.69 45.37 -14.64
N ALA B 478 23.81 44.97 -13.73
CA ALA B 478 24.10 44.78 -12.32
C ALA B 478 25.32 43.93 -11.95
N LEU B 479 25.41 42.77 -12.60
CA LEU B 479 26.53 41.83 -12.37
C LEU B 479 27.70 42.23 -13.26
N GLY B 480 27.37 43.14 -14.17
CA GLY B 480 28.24 43.73 -15.16
C GLY B 480 29.14 42.73 -15.87
N VAL B 481 28.58 42.21 -16.93
CA VAL B 481 29.20 41.26 -17.85
C VAL B 481 28.05 40.82 -18.79
#